data_7DC6
#
_entry.id   7DC6
#
_cell.length_a   173.677
_cell.length_b   173.677
_cell.length_c   84.346
_cell.angle_alpha   90.000
_cell.angle_beta   90.000
_cell.angle_gamma   90.000
#
_symmetry.space_group_name_H-M   'P 43 21 2'
#
loop_
_entity.id
_entity.type
_entity.pdbx_description
1 polymer 'MHC class I antigen'
2 polymer Beta-2-microglobulin
3 polymer 'CCV-NGY9 peptide from Spike protein'
4 water water
#
loop_
_entity_poly.entity_id
_entity_poly.type
_entity_poly.pdbx_seq_one_letter_code
_entity_poly.pdbx_strand_id
1 'polypeptide(L)'
;GSHSMRYFYTAVSRPGRGEPRFIAVGYVDDTQFVRFDSDSASRRMEPRAPWIEQEGPEYWDRNTRIAEDNAQAFRVDLQT
ALRYYNQSEAGSHTIQWMHGCDVGPDGRLLRGYSQLAYDGADYIALNEDLRSWTAADTAAQITRRKWEAAGEAERYRNYV
EGECVEWLRRYLENGKETLQRAETPDTRVTRHPISDQKVTLRCWALGFYPAEITLTWQQDGEDLTQDTELVETRPAGDGT
FQKWAAVVVPSGQEQRYTCHVQHEGLPEPLTRSWE
;
A,C
2 'polypeptide(L)'
;MVQHAPKIQVYSRHPAENGKPNFLNCYVSGFHPPEIEIDLLKNGEKMKAEQSDLSFSKDWTFYLLVHTEFTPNGQDEFSC
RVKHVTLSEPQIIKWERDN
;
B,D
3 'polypeptide(L)' NGYNFFSTF E,F
#
# COMPACT_ATOMS: atom_id res chain seq x y z
N GLY A 1 21.29 -0.69 -23.69
CA GLY A 1 19.96 -1.36 -23.72
C GLY A 1 20.07 -2.83 -24.08
N SER A 2 21.00 -3.53 -23.42
CA SER A 2 21.17 -4.97 -23.64
C SER A 2 20.08 -5.75 -22.92
N HIS A 3 19.65 -6.84 -23.54
CA HIS A 3 18.61 -7.69 -22.96
C HIS A 3 19.09 -9.12 -22.80
N SER A 4 18.51 -9.83 -21.85
CA SER A 4 18.94 -11.19 -21.51
C SER A 4 17.75 -12.12 -21.25
N MET A 5 17.98 -13.40 -21.49
CA MET A 5 17.05 -14.45 -21.12
C MET A 5 17.81 -15.45 -20.26
N ARG A 6 17.28 -15.78 -19.09
CA ARG A 6 17.98 -16.62 -18.13
C ARG A 6 17.07 -17.65 -17.45
N TYR A 7 17.63 -18.84 -17.22
CA TYR A 7 16.92 -19.90 -16.51
C TYR A 7 17.73 -20.39 -15.30
N PHE A 8 17.11 -20.32 -14.12
CA PHE A 8 17.76 -20.68 -12.87
C PHE A 8 17.17 -21.98 -12.34
N TYR A 9 18.02 -22.99 -12.19
CA TYR A 9 17.58 -24.32 -11.76
C TYR A 9 18.18 -24.68 -10.41
N THR A 10 17.38 -25.31 -9.56
CA THR A 10 17.84 -25.75 -8.24
C THR A 10 17.31 -27.15 -7.90
N ALA A 11 18.24 -28.08 -7.66
CA ALA A 11 17.89 -29.44 -7.26
C ALA A 11 18.45 -29.72 -5.87
N VAL A 12 17.55 -30.08 -4.94
CA VAL A 12 17.93 -30.29 -3.55
C VAL A 12 17.53 -31.69 -3.07
N SER A 13 18.52 -32.52 -2.78
CA SER A 13 18.26 -33.86 -2.25
C SER A 13 17.79 -33.75 -0.80
N ARG A 14 16.81 -34.58 -0.43
CA ARG A 14 16.32 -34.63 0.94
C ARG A 14 16.09 -36.08 1.38
N PRO A 15 17.17 -36.78 1.75
CA PRO A 15 17.14 -38.19 2.16
C PRO A 15 16.15 -38.44 3.29
N GLY A 16 15.36 -39.50 3.17
CA GLY A 16 14.31 -39.80 4.15
C GLY A 16 13.05 -38.97 3.97
N ARG A 17 13.22 -37.68 3.64
CA ARG A 17 12.09 -36.75 3.53
C ARG A 17 11.52 -36.66 2.10
N GLY A 18 11.61 -37.76 1.37
CA GLY A 18 11.01 -37.85 0.03
C GLY A 18 11.94 -37.51 -1.11
N GLU A 19 11.36 -37.34 -2.30
CA GLU A 19 12.08 -37.06 -3.54
C GLU A 19 12.78 -35.69 -3.50
N PRO A 20 13.88 -35.53 -4.26
CA PRO A 20 14.54 -34.23 -4.36
C PRO A 20 13.64 -33.17 -4.99
N ARG A 21 13.64 -31.98 -4.41
CA ARG A 21 12.84 -30.86 -4.90
C ARG A 21 13.52 -30.17 -6.07
N PHE A 22 12.72 -29.80 -7.06
CA PHE A 22 13.24 -29.16 -8.25
C PHE A 22 12.53 -27.84 -8.53
N ILE A 23 13.31 -26.77 -8.64
CA ILE A 23 12.79 -25.44 -8.94
C ILE A 23 13.47 -24.90 -10.18
N ALA A 24 12.67 -24.30 -11.06
CA ALA A 24 13.17 -23.62 -12.23
C ALA A 24 12.44 -22.29 -12.37
N VAL A 25 13.20 -21.24 -12.62
CA VAL A 25 12.62 -19.91 -12.84
C VAL A 25 13.17 -19.27 -14.11
N GLY A 26 12.30 -18.59 -14.84
CA GLY A 26 12.66 -17.93 -16.09
C GLY A 26 12.67 -16.42 -15.98
N TYR A 27 13.72 -15.81 -16.52
CA TYR A 27 13.88 -14.36 -16.45
C TYR A 27 14.19 -13.74 -17.81
N VAL A 28 13.44 -12.69 -18.15
CA VAL A 28 13.85 -11.75 -19.19
C VAL A 28 14.28 -10.48 -18.46
N ASP A 29 15.57 -10.15 -18.57
CA ASP A 29 16.18 -9.11 -17.77
C ASP A 29 15.89 -9.36 -16.29
N ASP A 30 15.15 -8.46 -15.65
CA ASP A 30 14.81 -8.59 -14.22
C ASP A 30 13.37 -9.03 -13.97
N THR A 31 12.65 -9.39 -15.03
CA THR A 31 11.27 -9.84 -14.94
C THR A 31 11.16 -11.36 -15.02
N GLN A 32 10.54 -11.96 -14.01
CA GLN A 32 10.29 -13.39 -14.01
C GLN A 32 9.01 -13.68 -14.79
N PHE A 33 9.11 -14.53 -15.80
CA PHE A 33 7.97 -14.83 -16.66
C PHE A 33 7.42 -16.25 -16.53
N VAL A 34 8.24 -17.16 -16.04
CA VAL A 34 7.85 -18.57 -15.98
C VAL A 34 8.39 -19.27 -14.72
N ARG A 35 7.66 -20.29 -14.26
CA ARG A 35 7.98 -20.97 -13.00
C ARG A 35 7.65 -22.46 -13.01
N PHE A 36 8.61 -23.26 -12.55
CA PHE A 36 8.37 -24.67 -12.28
C PHE A 36 8.80 -25.03 -10.87
N ASP A 37 7.95 -25.82 -10.19
CA ASP A 37 8.26 -26.33 -8.86
C ASP A 37 7.71 -27.72 -8.72
N SER A 38 8.55 -28.66 -8.29
CA SER A 38 8.15 -30.06 -8.15
C SER A 38 7.16 -30.25 -7.02
N ASP A 39 7.31 -29.45 -5.96
CA ASP A 39 6.41 -29.53 -4.80
C ASP A 39 5.07 -28.83 -5.02
N SER A 40 4.93 -28.15 -6.15
CA SER A 40 3.70 -27.41 -6.46
C SER A 40 2.51 -28.33 -6.75
N ALA A 41 1.31 -27.79 -6.57
CA ALA A 41 0.05 -28.51 -6.84
C ALA A 41 -0.02 -28.92 -8.32
N SER A 42 0.03 -27.93 -9.21
CA SER A 42 0.13 -28.20 -10.63
C SER A 42 1.59 -28.43 -10.98
N ARG A 43 1.90 -29.66 -11.38
CA ARG A 43 3.27 -30.06 -11.67
C ARG A 43 3.78 -29.48 -12.99
N ARG A 44 3.03 -28.55 -13.57
CA ARG A 44 3.39 -27.96 -14.86
C ARG A 44 4.05 -26.58 -14.75
N MET A 45 4.61 -26.13 -15.87
CA MET A 45 5.21 -24.82 -16.01
C MET A 45 4.10 -23.76 -15.93
N GLU A 46 4.33 -22.73 -15.12
CA GLU A 46 3.30 -21.72 -14.85
C GLU A 46 3.73 -20.31 -15.26
N PRO A 47 2.80 -19.56 -15.88
CA PRO A 47 3.05 -18.17 -16.31
C PRO A 47 3.24 -17.22 -15.13
N ARG A 48 4.13 -16.25 -15.29
CA ARG A 48 4.37 -15.24 -14.25
C ARG A 48 4.38 -13.81 -14.81
N ALA A 49 4.23 -13.69 -16.12
CA ALA A 49 4.17 -12.38 -16.77
C ALA A 49 2.87 -12.24 -17.57
N PRO A 50 2.42 -10.99 -17.79
CA PRO A 50 1.21 -10.76 -18.60
C PRO A 50 1.35 -11.18 -20.07
N TRP A 51 2.56 -11.05 -20.61
CA TRP A 51 2.81 -11.32 -22.03
C TRP A 51 3.16 -12.78 -22.33
N ILE A 52 3.40 -13.56 -21.28
CA ILE A 52 3.73 -14.98 -21.47
C ILE A 52 2.48 -15.86 -21.53
N GLU A 53 1.42 -15.46 -20.83
CA GLU A 53 0.18 -16.24 -20.81
C GLU A 53 -0.54 -16.20 -22.17
N GLN A 54 0.03 -15.44 -23.10
CA GLN A 54 -0.44 -15.38 -24.48
C GLN A 54 -0.15 -16.68 -25.23
N GLU A 55 0.91 -17.37 -24.81
CA GLU A 55 1.39 -18.57 -25.51
C GLU A 55 0.43 -19.75 -25.44
N GLY A 56 0.43 -20.56 -26.50
CA GLY A 56 -0.51 -21.67 -26.66
C GLY A 56 -0.23 -22.87 -25.77
N PRO A 57 -1.15 -23.85 -25.76
CA PRO A 57 -1.09 -25.04 -24.89
C PRO A 57 0.15 -25.89 -25.09
N GLU A 58 0.62 -26.03 -26.34
CA GLU A 58 1.78 -26.85 -26.65
C GLU A 58 3.06 -26.24 -26.06
N TYR A 59 3.13 -24.92 -26.03
CA TYR A 59 4.24 -24.20 -25.41
C TYR A 59 4.40 -24.65 -23.96
N TRP A 60 3.29 -24.64 -23.22
CA TRP A 60 3.30 -25.03 -21.80
C TRP A 60 3.57 -26.51 -21.61
N ASP A 61 3.14 -27.32 -22.58
CA ASP A 61 3.39 -28.77 -22.55
C ASP A 61 4.85 -29.11 -22.78
N ARG A 62 5.46 -28.48 -23.78
CA ARG A 62 6.88 -28.73 -24.08
C ARG A 62 7.78 -28.21 -22.96
N ASN A 63 7.46 -27.03 -22.43
CA ASN A 63 8.24 -26.42 -21.37
C ASN A 63 8.09 -27.11 -20.02
N THR A 64 6.95 -27.75 -19.81
CA THR A 64 6.77 -28.62 -18.65
C THR A 64 7.65 -29.85 -18.83
N ARG A 65 7.59 -30.45 -20.02
CA ARG A 65 8.41 -31.61 -20.35
C ARG A 65 9.89 -31.32 -20.22
N ILE A 66 10.31 -30.14 -20.68
CA ILE A 66 11.71 -29.72 -20.62
C ILE A 66 12.23 -29.66 -19.18
N ALA A 67 11.49 -29.00 -18.31
CA ALA A 67 11.85 -28.88 -16.90
C ALA A 67 11.76 -30.24 -16.21
N GLU A 68 10.76 -31.03 -16.60
CA GLU A 68 10.52 -32.36 -16.05
C GLU A 68 11.65 -33.32 -16.45
N ASP A 69 12.15 -33.16 -17.67
CA ASP A 69 13.29 -33.94 -18.16
C ASP A 69 14.57 -33.51 -17.46
N ASN A 70 14.72 -32.20 -17.26
CA ASN A 70 15.84 -31.64 -16.51
C ASN A 70 15.84 -32.11 -15.06
N ALA A 71 14.64 -32.27 -14.51
CA ALA A 71 14.46 -32.77 -13.15
C ALA A 71 15.05 -34.16 -12.98
N GLN A 72 14.87 -35.01 -13.98
CA GLN A 72 15.43 -36.36 -13.97
C GLN A 72 16.95 -36.36 -14.06
N ALA A 73 17.48 -35.55 -14.99
CA ALA A 73 18.92 -35.44 -15.20
C ALA A 73 19.65 -35.03 -13.93
N PHE A 74 19.09 -34.04 -13.22
CA PHE A 74 19.69 -33.55 -11.98
C PHE A 74 19.46 -34.48 -10.79
N ARG A 75 18.41 -35.29 -10.86
CA ARG A 75 18.18 -36.36 -9.88
C ARG A 75 19.34 -37.34 -9.85
N VAL A 76 19.77 -37.78 -11.04
CA VAL A 76 20.91 -38.70 -11.15
C VAL A 76 22.23 -37.94 -11.00
N ASP A 77 22.23 -36.66 -11.39
CA ASP A 77 23.39 -35.79 -11.17
C ASP A 77 23.77 -35.69 -9.69
N LEU A 78 22.75 -35.63 -8.83
CA LEU A 78 22.95 -35.65 -7.39
C LEU A 78 23.46 -37.01 -6.91
N GLN A 79 22.98 -38.06 -7.55
CA GLN A 79 23.37 -39.43 -7.21
C GLN A 79 24.82 -39.71 -7.61
N THR A 80 25.24 -39.12 -8.72
CA THR A 80 26.61 -39.27 -9.23
C THR A 80 27.62 -38.53 -8.34
N ALA A 81 27.25 -37.33 -7.90
CA ALA A 81 28.12 -36.48 -7.10
C ALA A 81 28.43 -37.08 -5.72
N LEU A 82 27.44 -37.74 -5.12
CA LEU A 82 27.63 -38.46 -3.87
C LEU A 82 28.77 -39.45 -3.95
N ARG A 83 28.88 -40.12 -5.10
CA ARG A 83 29.93 -41.10 -5.34
C ARG A 83 31.27 -40.46 -5.69
N TYR A 84 31.24 -39.40 -6.50
CA TYR A 84 32.45 -38.67 -6.85
C TYR A 84 33.21 -38.20 -5.61
N TYR A 85 32.48 -37.60 -4.66
CA TYR A 85 33.09 -37.00 -3.48
C TYR A 85 33.05 -37.89 -2.24
N ASN A 86 32.62 -39.14 -2.43
CA ASN A 86 32.51 -40.12 -1.34
C ASN A 86 31.66 -39.62 -0.16
N GLN A 87 30.59 -38.89 -0.49
CA GLN A 87 29.72 -38.29 0.51
C GLN A 87 28.66 -39.28 1.00
N SER A 88 28.25 -39.12 2.25
CA SER A 88 27.22 -39.95 2.86
C SER A 88 25.87 -39.75 2.19
N GLU A 89 25.13 -40.84 2.07
CA GLU A 89 23.77 -40.82 1.51
C GLU A 89 22.78 -40.09 2.43
N ALA A 90 23.21 -39.83 3.67
CA ALA A 90 22.36 -39.25 4.71
C ALA A 90 22.12 -37.75 4.55
N GLY A 91 23.14 -37.02 4.09
CA GLY A 91 23.08 -35.56 4.03
C GLY A 91 22.39 -35.00 2.80
N SER A 92 21.79 -33.82 2.95
CA SER A 92 21.21 -33.08 1.84
C SER A 92 22.31 -32.45 0.98
N HIS A 93 22.03 -32.27 -0.30
CA HIS A 93 23.00 -31.66 -1.22
C HIS A 93 22.31 -30.85 -2.32
N THR A 94 23.05 -29.90 -2.89
CA THR A 94 22.48 -28.95 -3.85
C THR A 94 23.26 -28.91 -5.16
N ILE A 95 22.52 -28.86 -6.27
CA ILE A 95 23.08 -28.53 -7.57
C ILE A 95 22.35 -27.31 -8.13
N GLN A 96 23.12 -26.36 -8.67
CA GLN A 96 22.55 -25.18 -9.29
C GLN A 96 23.02 -25.06 -10.73
N TRP A 97 22.13 -24.57 -11.59
CA TRP A 97 22.47 -24.34 -12.99
C TRP A 97 21.77 -23.11 -13.55
N MET A 98 22.59 -22.18 -14.04
CA MET A 98 22.10 -20.95 -14.65
C MET A 98 22.62 -20.90 -16.09
N HIS A 99 21.69 -20.85 -17.04
CA HIS A 99 22.04 -20.71 -18.45
C HIS A 99 21.24 -19.58 -19.09
N GLY A 100 21.68 -19.15 -20.28
CA GLY A 100 20.94 -18.16 -21.04
C GLY A 100 21.71 -17.45 -22.12
N CYS A 101 21.05 -16.47 -22.74
CA CYS A 101 21.62 -15.72 -23.84
C CYS A 101 21.30 -14.23 -23.73
N ASP A 102 22.20 -13.40 -24.29
CA ASP A 102 22.03 -11.96 -24.31
C ASP A 102 22.01 -11.46 -25.75
N VAL A 103 21.17 -10.48 -26.02
CA VAL A 103 21.17 -9.78 -27.31
C VAL A 103 21.75 -8.38 -27.16
N GLY A 104 22.41 -7.90 -28.21
CA GLY A 104 22.97 -6.55 -28.25
C GLY A 104 21.91 -5.49 -28.52
N PRO A 105 22.28 -4.20 -28.32
CA PRO A 105 21.44 -3.04 -28.65
C PRO A 105 20.91 -3.03 -30.10
N ASP A 106 21.63 -3.68 -31.01
CA ASP A 106 21.19 -3.82 -32.40
C ASP A 106 20.16 -4.94 -32.56
N GLY A 107 20.23 -5.92 -31.66
CA GLY A 107 19.35 -7.08 -31.72
C GLY A 107 20.13 -8.38 -31.81
N ARG A 108 21.34 -8.30 -32.36
CA ARG A 108 22.18 -9.48 -32.56
C ARG A 108 22.71 -10.08 -31.26
N LEU A 109 22.84 -11.40 -31.26
CA LEU A 109 23.43 -12.16 -30.16
C LEU A 109 24.69 -11.50 -29.59
N LEU A 110 24.72 -11.35 -28.26
CA LEU A 110 25.84 -10.72 -27.57
C LEU A 110 26.64 -11.74 -26.76
N ARG A 111 25.95 -12.60 -26.02
CA ARG A 111 26.58 -13.61 -25.18
C ARG A 111 25.68 -14.82 -24.91
N GLY A 112 26.33 -15.95 -24.64
CA GLY A 112 25.66 -17.17 -24.19
C GLY A 112 26.44 -17.73 -23.02
N TYR A 113 25.74 -18.39 -22.10
CA TYR A 113 26.38 -18.91 -20.89
C TYR A 113 25.64 -20.11 -20.31
N SER A 114 26.38 -20.97 -19.63
CA SER A 114 25.84 -22.15 -18.97
C SER A 114 26.78 -22.54 -17.84
N GLN A 115 26.39 -22.20 -16.62
CA GLN A 115 27.22 -22.43 -15.43
C GLN A 115 26.53 -23.36 -14.45
N LEU A 116 27.32 -24.18 -13.77
CA LEU A 116 26.80 -25.13 -12.78
C LEU A 116 27.56 -25.07 -11.47
N ALA A 117 26.91 -25.51 -10.38
CA ALA A 117 27.53 -25.54 -9.05
C ALA A 117 26.99 -26.68 -8.19
N TYR A 118 27.90 -27.37 -7.51
CA TYR A 118 27.53 -28.39 -6.53
C TYR A 118 27.84 -27.89 -5.12
N ASP A 119 26.82 -27.91 -4.28
CA ASP A 119 26.91 -27.43 -2.89
C ASP A 119 27.49 -26.01 -2.78
N GLY A 120 27.02 -25.13 -3.67
CA GLY A 120 27.45 -23.73 -3.66
C GLY A 120 28.78 -23.45 -4.35
N ALA A 121 29.64 -24.46 -4.42
CA ALA A 121 30.95 -24.32 -5.05
C ALA A 121 30.86 -24.52 -6.56
N ASP A 122 31.58 -23.68 -7.29
CA ASP A 122 31.74 -23.82 -8.75
C ASP A 122 32.06 -25.25 -9.13
N TYR A 123 31.48 -25.71 -10.24
CA TYR A 123 31.70 -27.07 -10.71
C TYR A 123 32.14 -27.10 -12.18
N ILE A 124 31.28 -26.63 -13.07
CA ILE A 124 31.58 -26.62 -14.49
C ILE A 124 30.86 -25.47 -15.20
N ALA A 125 31.60 -24.78 -16.06
CA ALA A 125 31.07 -23.65 -16.81
C ALA A 125 31.45 -23.75 -18.28
N LEU A 126 30.49 -23.49 -19.15
CA LEU A 126 30.76 -23.36 -20.57
C LEU A 126 31.54 -22.08 -20.78
N ASN A 127 32.63 -22.16 -21.54
CA ASN A 127 33.45 -20.99 -21.84
C ASN A 127 32.70 -19.99 -22.72
N GLU A 128 33.24 -18.78 -22.81
CA GLU A 128 32.58 -17.70 -23.52
C GLU A 128 32.48 -17.98 -25.03
N ASP A 129 33.28 -18.93 -25.52
CA ASP A 129 33.26 -19.31 -26.93
C ASP A 129 32.12 -20.27 -27.30
N LEU A 130 31.49 -20.85 -26.27
CA LEU A 130 30.38 -21.79 -26.44
C LEU A 130 30.82 -23.12 -27.04
N ARG A 131 32.12 -23.42 -26.94
CA ARG A 131 32.67 -24.62 -27.54
C ARG A 131 33.50 -25.45 -26.53
N SER A 132 34.06 -24.78 -25.53
CA SER A 132 34.87 -25.47 -24.51
C SER A 132 34.30 -25.32 -23.10
N TRP A 133 34.66 -26.26 -22.23
CA TRP A 133 34.23 -26.24 -20.84
C TRP A 133 35.39 -25.94 -19.91
N THR A 134 35.09 -25.46 -18.71
CA THR A 134 36.08 -25.31 -17.65
C THR A 134 35.62 -26.04 -16.39
N ALA A 135 36.37 -27.07 -16.01
CA ALA A 135 36.07 -27.86 -14.83
C ALA A 135 36.79 -27.30 -13.61
N ALA A 136 36.14 -27.34 -12.45
CA ALA A 136 36.68 -26.75 -11.23
C ALA A 136 37.58 -27.70 -10.46
N ASP A 137 37.23 -28.98 -10.45
CA ASP A 137 38.01 -30.01 -9.78
C ASP A 137 38.04 -31.32 -10.57
N THR A 138 38.72 -32.33 -10.03
CA THR A 138 38.94 -33.61 -10.73
C THR A 138 37.66 -34.37 -11.05
N ALA A 139 36.65 -34.22 -10.21
CA ALA A 139 35.34 -34.85 -10.43
C ALA A 139 34.57 -34.14 -11.55
N ALA A 140 34.74 -32.83 -11.63
CA ALA A 140 34.11 -32.03 -12.68
C ALA A 140 34.78 -32.25 -14.03
N GLN A 141 36.04 -32.66 -13.99
CA GLN A 141 36.81 -32.98 -15.21
C GLN A 141 36.34 -34.29 -15.83
N ILE A 142 35.89 -35.22 -14.99
CA ILE A 142 35.28 -36.47 -15.46
C ILE A 142 33.96 -36.13 -16.14
N THR A 143 33.19 -35.23 -15.54
CA THR A 143 31.96 -34.74 -16.13
C THR A 143 32.25 -34.04 -17.46
N ARG A 144 33.33 -33.26 -17.48
CA ARG A 144 33.74 -32.50 -18.67
C ARG A 144 33.98 -33.39 -19.88
N ARG A 145 34.80 -34.42 -19.69
CA ARG A 145 35.16 -35.33 -20.77
C ARG A 145 33.95 -36.09 -21.30
N LYS A 146 33.02 -36.42 -20.40
CA LYS A 146 31.77 -37.08 -20.77
C LYS A 146 30.88 -36.18 -21.64
N TRP A 147 30.88 -34.89 -21.32
CA TRP A 147 30.06 -33.92 -22.03
C TRP A 147 30.68 -33.53 -23.37
N GLU A 148 32.00 -33.66 -23.47
CA GLU A 148 32.71 -33.38 -24.71
C GLU A 148 32.54 -34.52 -25.70
N ALA A 149 32.45 -35.74 -25.18
CA ALA A 149 32.17 -36.93 -25.98
C ALA A 149 30.70 -36.94 -26.44
N ALA A 150 29.83 -36.40 -25.60
CA ALA A 150 28.39 -36.31 -25.90
C ALA A 150 28.04 -35.09 -26.74
N GLY A 151 29.04 -34.23 -26.99
CA GLY A 151 28.85 -33.02 -27.79
C GLY A 151 27.88 -32.00 -27.22
N GLU A 152 27.72 -32.02 -25.90
CA GLU A 152 26.80 -31.12 -25.19
C GLU A 152 27.08 -29.65 -25.49
N ALA A 153 28.37 -29.31 -25.59
CA ALA A 153 28.80 -27.95 -25.92
C ALA A 153 28.26 -27.52 -27.28
N GLU A 154 28.34 -28.41 -28.26
CA GLU A 154 27.83 -28.14 -29.60
C GLU A 154 26.30 -28.05 -29.60
N ARG A 155 25.66 -28.87 -28.77
CA ARG A 155 24.20 -28.94 -28.72
C ARG A 155 23.55 -27.75 -28.02
N TYR A 156 24.23 -27.20 -27.02
CA TYR A 156 23.77 -25.96 -26.38
C TYR A 156 24.07 -24.75 -27.25
N ARG A 157 25.23 -24.77 -27.91
CA ARG A 157 25.64 -23.68 -28.80
C ARG A 157 24.61 -23.43 -29.91
N ASN A 158 24.03 -24.50 -30.42
CA ASN A 158 22.98 -24.40 -31.44
C ASN A 158 21.71 -23.74 -30.90
N TYR A 159 21.39 -24.04 -29.64
CA TYR A 159 20.21 -23.49 -28.97
C TYR A 159 20.33 -21.98 -28.74
N VAL A 160 21.45 -21.55 -28.15
CA VAL A 160 21.69 -20.14 -27.89
C VAL A 160 21.73 -19.32 -29.18
N GLU A 161 22.44 -19.85 -30.19
CA GLU A 161 22.57 -19.18 -31.47
C GLU A 161 21.25 -19.13 -32.24
N GLY A 162 20.48 -20.20 -32.14
CA GLY A 162 19.21 -20.32 -32.85
C GLY A 162 18.01 -19.93 -32.01
N GLU A 163 17.54 -20.86 -31.18
CA GLU A 163 16.28 -20.72 -30.45
C GLU A 163 16.27 -19.61 -29.40
N CYS A 164 17.22 -19.67 -28.46
CA CYS A 164 17.28 -18.74 -27.32
C CYS A 164 17.09 -17.29 -27.73
N VAL A 165 17.91 -16.84 -28.68
CA VAL A 165 17.87 -15.48 -29.19
C VAL A 165 16.53 -15.18 -29.88
N GLU A 166 16.05 -16.12 -30.68
CA GLU A 166 14.77 -15.97 -31.40
C GLU A 166 13.58 -15.78 -30.46
N TRP A 167 13.55 -16.54 -29.37
CA TRP A 167 12.47 -16.43 -28.38
C TRP A 167 12.60 -15.14 -27.55
N LEU A 168 13.83 -14.71 -27.30
CA LEU A 168 14.10 -13.48 -26.55
C LEU A 168 13.53 -12.25 -27.25
N ARG A 169 13.79 -12.12 -28.55
CA ARG A 169 13.24 -11.03 -29.37
C ARG A 169 11.71 -11.04 -29.32
N ARG A 170 11.15 -12.24 -29.36
CA ARG A 170 9.70 -12.46 -29.34
C ARG A 170 9.08 -11.97 -28.02
N TYR A 171 9.66 -12.41 -26.90
CA TYR A 171 9.21 -11.98 -25.58
C TYR A 171 9.34 -10.48 -25.39
N LEU A 172 10.46 -9.92 -25.84
CA LEU A 172 10.71 -8.48 -25.77
C LEU A 172 9.65 -7.70 -26.52
N GLU A 173 9.33 -8.13 -27.74
CA GLU A 173 8.34 -7.47 -28.59
C GLU A 173 6.93 -7.57 -27.99
N ASN A 174 6.53 -8.79 -27.61
CA ASN A 174 5.26 -9.02 -26.93
C ASN A 174 5.21 -8.32 -25.58
N GLY A 175 6.37 -8.14 -24.97
CA GLY A 175 6.46 -7.56 -23.63
C GLY A 175 6.90 -6.11 -23.57
N LYS A 176 7.06 -5.47 -24.74
CA LYS A 176 7.51 -4.08 -24.79
C LYS A 176 6.54 -3.13 -24.05
N GLU A 177 5.36 -3.68 -23.72
CA GLU A 177 4.40 -3.01 -22.85
C GLU A 177 4.98 -2.78 -21.45
N THR A 178 5.83 -3.72 -21.02
CA THR A 178 6.42 -3.69 -19.68
C THR A 178 7.95 -3.83 -19.70
N LEU A 179 8.47 -4.54 -20.70
CA LEU A 179 9.88 -4.92 -20.72
C LEU A 179 10.83 -3.88 -21.33
N GLN A 180 10.38 -3.24 -22.41
CA GLN A 180 11.27 -2.36 -23.17
C GLN A 180 11.22 -0.90 -22.72
N ARG A 181 10.39 -0.61 -21.71
CA ARG A 181 10.39 0.71 -21.08
C ARG A 181 10.82 0.68 -19.62
N ALA A 182 11.91 1.38 -19.33
CA ALA A 182 12.45 1.46 -17.98
C ALA A 182 11.62 2.41 -17.12
N GLU A 183 11.25 1.95 -15.92
CA GLU A 183 10.49 2.78 -14.98
C GLU A 183 11.44 3.68 -14.20
N THR A 184 11.21 4.99 -14.33
CA THR A 184 12.07 5.98 -13.68
C THR A 184 11.75 6.07 -12.18
N PRO A 185 12.80 6.09 -11.33
CA PRO A 185 12.62 6.02 -9.87
C PRO A 185 11.97 7.27 -9.27
N ASP A 186 11.13 7.06 -8.26
CA ASP A 186 10.59 8.15 -7.45
C ASP A 186 11.59 8.45 -6.34
N THR A 187 12.23 9.60 -6.43
CA THR A 187 13.26 10.01 -5.48
C THR A 187 12.77 11.12 -4.54
N ARG A 188 13.00 10.93 -3.26
CA ARG A 188 12.72 11.94 -2.23
C ARG A 188 13.83 11.91 -1.18
N VAL A 189 14.01 13.02 -0.49
CA VAL A 189 14.99 13.10 0.60
C VAL A 189 14.28 13.46 1.91
N THR A 190 14.38 12.56 2.89
CA THR A 190 13.74 12.75 4.19
C THR A 190 14.77 13.11 5.27
N ARG A 191 14.30 13.79 6.31
CA ARG A 191 15.16 14.30 7.38
C ARG A 191 14.75 13.71 8.73
N HIS A 192 15.72 13.13 9.43
CA HIS A 192 15.47 12.53 10.74
C HIS A 192 16.52 12.96 11.77
N PRO A 193 16.14 13.88 12.68
CA PRO A 193 17.09 14.37 13.69
C PRO A 193 17.34 13.36 14.81
N ILE A 194 18.61 13.00 15.02
CA ILE A 194 18.98 12.07 16.09
C ILE A 194 19.22 12.82 17.39
N SER A 195 19.80 14.01 17.27
CA SER A 195 20.05 14.88 18.41
C SER A 195 20.00 16.36 17.96
N ASP A 196 20.14 17.28 18.91
CA ASP A 196 20.04 18.71 18.59
C ASP A 196 21.16 19.20 17.68
N GLN A 197 22.26 18.46 17.63
CA GLN A 197 23.41 18.84 16.81
C GLN A 197 23.39 18.23 15.41
N LYS A 198 23.05 16.94 15.32
CA LYS A 198 23.13 16.20 14.05
C LYS A 198 21.80 15.59 13.60
N VAL A 199 21.69 15.31 12.30
CA VAL A 199 20.46 14.82 11.69
C VAL A 199 20.75 13.87 10.51
N THR A 200 19.99 12.77 10.42
CA THR A 200 20.13 11.82 9.33
C THR A 200 19.32 12.25 8.10
N LEU A 201 19.97 12.31 6.96
CA LEU A 201 19.30 12.53 5.68
C LEU A 201 19.28 11.22 4.89
N ARG A 202 18.09 10.81 4.48
CA ARG A 202 17.89 9.56 3.75
C ARG A 202 17.47 9.83 2.31
N CYS A 203 18.17 9.21 1.36
CA CYS A 203 17.84 9.35 -0.06
C CYS A 203 17.06 8.14 -0.53
N TRP A 204 15.78 8.34 -0.80
CA TRP A 204 14.89 7.25 -1.20
C TRP A 204 14.78 7.11 -2.71
N ALA A 205 14.90 5.87 -3.21
CA ALA A 205 14.64 5.56 -4.61
C ALA A 205 13.65 4.41 -4.67
N LEU A 206 12.45 4.68 -5.17
CA LEU A 206 11.37 3.70 -5.14
C LEU A 206 10.68 3.53 -6.49
N GLY A 207 10.14 2.34 -6.71
CA GLY A 207 9.33 2.04 -7.89
C GLY A 207 10.08 2.17 -9.22
N PHE A 208 11.22 1.50 -9.33
CA PHE A 208 12.02 1.57 -10.54
C PHE A 208 12.33 0.23 -11.19
N TYR A 209 12.60 0.28 -12.50
CA TYR A 209 13.02 -0.87 -13.30
C TYR A 209 13.95 -0.33 -14.39
N PRO A 210 15.06 -1.01 -14.67
CA PRO A 210 15.46 -2.28 -14.04
C PRO A 210 16.07 -2.12 -12.64
N ALA A 211 16.60 -3.22 -12.10
CA ALA A 211 17.13 -3.24 -10.74
C ALA A 211 18.36 -2.35 -10.53
N GLU A 212 19.16 -2.18 -11.58
CA GLU A 212 20.42 -1.43 -11.50
C GLU A 212 20.21 0.06 -11.24
N ILE A 213 20.88 0.56 -10.21
CA ILE A 213 20.82 1.98 -9.82
C ILE A 213 22.07 2.36 -9.03
N THR A 214 22.49 3.62 -9.15
CA THR A 214 23.58 4.16 -8.36
C THR A 214 23.11 5.39 -7.58
N LEU A 215 23.19 5.30 -6.26
CA LEU A 215 22.93 6.43 -5.38
C LEU A 215 24.27 6.96 -4.87
N THR A 216 24.51 8.24 -5.10
CA THR A 216 25.78 8.87 -4.70
C THR A 216 25.56 10.18 -3.95
N TRP A 217 26.12 10.26 -2.75
CA TRP A 217 26.00 11.46 -1.92
C TRP A 217 27.09 12.49 -2.24
N GLN A 218 26.69 13.76 -2.22
CA GLN A 218 27.62 14.86 -2.47
C GLN A 218 27.45 15.96 -1.43
N GLN A 219 28.56 16.49 -0.92
CA GLN A 219 28.52 17.68 -0.06
C GLN A 219 29.16 18.86 -0.78
N ASP A 220 28.45 19.98 -0.79
CA ASP A 220 28.84 21.19 -1.54
C ASP A 220 28.98 20.93 -3.04
N GLY A 221 28.45 19.79 -3.50
CA GLY A 221 28.59 19.36 -4.88
C GLY A 221 29.85 18.52 -5.12
N GLU A 222 30.44 18.04 -4.04
CA GLU A 222 31.64 17.20 -4.12
C GLU A 222 31.33 15.79 -3.62
N ASP A 223 31.74 14.78 -4.40
CA ASP A 223 31.41 13.37 -4.15
C ASP A 223 31.98 12.81 -2.85
N LEU A 224 31.32 11.76 -2.33
CA LEU A 224 31.75 11.11 -1.10
C LEU A 224 32.39 9.75 -1.40
N THR A 225 33.72 9.77 -1.53
CA THR A 225 34.52 8.61 -1.91
C THR A 225 34.24 7.35 -1.07
N GLN A 226 34.19 7.51 0.25
CA GLN A 226 34.07 6.37 1.16
C GLN A 226 32.65 5.83 1.26
N ASP A 227 32.53 4.62 1.80
CA ASP A 227 31.24 3.95 1.99
C ASP A 227 30.27 4.83 2.75
N THR A 228 29.03 4.83 2.28
CA THR A 228 27.93 5.48 2.98
C THR A 228 26.98 4.38 3.44
N GLU A 229 26.23 4.64 4.50
CA GLU A 229 25.21 3.70 4.95
C GLU A 229 24.15 3.56 3.85
N LEU A 230 23.98 2.32 3.38
CA LEU A 230 23.00 2.01 2.34
C LEU A 230 22.53 0.56 2.48
N VAL A 231 21.46 0.21 1.78
CA VAL A 231 20.97 -1.16 1.73
C VAL A 231 21.13 -1.77 0.35
N GLU A 232 21.27 -3.09 0.31
CA GLU A 232 21.24 -3.83 -0.94
C GLU A 232 19.86 -3.65 -1.56
N THR A 233 19.84 -3.38 -2.87
CA THR A 233 18.61 -3.12 -3.60
C THR A 233 17.62 -4.27 -3.42
N ARG A 234 16.38 -3.93 -3.07
CA ARG A 234 15.34 -4.92 -2.80
C ARG A 234 14.09 -4.72 -3.67
N PRO A 235 13.38 -5.82 -3.99
CA PRO A 235 12.14 -5.73 -4.76
C PRO A 235 10.96 -5.15 -3.96
N ALA A 236 10.19 -4.29 -4.61
CA ALA A 236 8.96 -3.75 -4.03
C ALA A 236 7.88 -4.82 -3.91
N GLY A 237 7.98 -5.84 -4.76
CA GLY A 237 7.05 -6.97 -4.76
C GLY A 237 6.01 -6.90 -5.87
N ASP A 238 6.20 -5.95 -6.79
CA ASP A 238 5.27 -5.74 -7.89
C ASP A 238 6.01 -5.61 -9.23
N GLY A 239 7.26 -6.04 -9.24
CA GLY A 239 8.10 -5.92 -10.43
C GLY A 239 9.11 -4.79 -10.34
N THR A 240 8.83 -3.79 -9.50
CA THR A 240 9.73 -2.66 -9.29
C THR A 240 10.65 -2.84 -8.08
N PHE A 241 11.61 -1.92 -7.94
CA PHE A 241 12.67 -2.08 -6.93
C PHE A 241 12.85 -0.86 -6.02
N GLN A 242 13.64 -1.05 -4.95
CA GLN A 242 13.83 -0.04 -3.91
C GLN A 242 15.26 0.01 -3.38
N LYS A 243 15.73 1.22 -3.08
CA LYS A 243 17.05 1.43 -2.45
C LYS A 243 17.12 2.80 -1.78
N TRP A 244 17.78 2.86 -0.62
CA TRP A 244 18.02 4.14 0.06
C TRP A 244 19.46 4.30 0.56
N ALA A 245 19.94 5.54 0.55
CA ALA A 245 21.26 5.89 1.07
C ALA A 245 21.13 6.99 2.12
N ALA A 246 21.77 6.78 3.26
CA ALA A 246 21.65 7.71 4.39
C ALA A 246 22.99 8.25 4.88
N VAL A 247 23.00 9.55 5.17
CA VAL A 247 24.19 10.23 5.68
C VAL A 247 23.83 11.05 6.92
N VAL A 248 24.79 11.18 7.84
CA VAL A 248 24.59 12.02 9.03
C VAL A 248 25.21 13.39 8.80
N VAL A 249 24.38 14.43 8.92
CA VAL A 249 24.82 15.81 8.75
C VAL A 249 24.48 16.65 9.99
N PRO A 250 25.23 17.75 10.22
CA PRO A 250 24.84 18.70 11.27
C PRO A 250 23.54 19.42 10.92
N SER A 251 22.69 19.61 11.92
CA SER A 251 21.41 20.27 11.74
C SER A 251 21.57 21.71 11.26
N GLY A 252 20.73 22.12 10.32
CA GLY A 252 20.76 23.48 9.78
C GLY A 252 21.42 23.59 8.42
N GLN A 253 22.49 22.82 8.21
CA GLN A 253 23.25 22.88 6.96
C GLN A 253 22.95 21.71 5.99
N GLU A 254 21.68 21.31 5.96
CA GLU A 254 21.19 20.24 5.09
C GLU A 254 21.24 20.65 3.61
N GLN A 255 21.23 21.96 3.36
CA GLN A 255 21.27 22.51 2.01
C GLN A 255 22.58 22.20 1.29
N ARG A 256 23.63 21.95 2.08
CA ARG A 256 24.95 21.66 1.53
C ARG A 256 25.09 20.22 1.01
N TYR A 257 24.04 19.43 1.15
CA TYR A 257 24.08 18.02 0.76
C TYR A 257 23.07 17.66 -0.33
N THR A 258 23.55 17.01 -1.38
CA THR A 258 22.72 16.59 -2.51
C THR A 258 22.92 15.11 -2.86
N CYS A 259 21.83 14.47 -3.24
CA CYS A 259 21.83 13.06 -3.65
C CYS A 259 21.84 12.96 -5.17
N HIS A 260 22.79 12.19 -5.70
CA HIS A 260 23.00 12.03 -7.14
C HIS A 260 22.60 10.61 -7.57
N VAL A 261 21.54 10.53 -8.37
CA VAL A 261 20.96 9.24 -8.78
C VAL A 261 21.25 8.93 -10.24
N GLN A 262 21.81 7.75 -10.50
CA GLN A 262 22.08 7.27 -11.85
C GLN A 262 21.21 6.05 -12.16
N HIS A 263 20.37 6.17 -13.18
CA HIS A 263 19.49 5.09 -13.61
C HIS A 263 19.26 5.13 -15.12
N GLU A 264 19.04 3.95 -15.69
CA GLU A 264 18.84 3.79 -17.13
C GLU A 264 17.64 4.57 -17.66
N GLY A 265 16.55 4.58 -16.89
CA GLY A 265 15.34 5.31 -17.24
C GLY A 265 15.55 6.82 -17.30
N LEU A 266 16.59 7.29 -16.62
CA LEU A 266 16.94 8.71 -16.61
C LEU A 266 17.92 9.04 -17.73
N PRO A 267 17.51 9.94 -18.66
CA PRO A 267 18.41 10.39 -19.73
C PRO A 267 19.66 11.07 -19.17
N GLU A 268 19.45 11.97 -18.21
CA GLU A 268 20.54 12.60 -17.48
C GLU A 268 20.39 12.22 -16.01
N PRO A 269 21.51 12.11 -15.27
CA PRO A 269 21.46 11.88 -13.82
C PRO A 269 20.60 12.91 -13.07
N LEU A 270 19.81 12.43 -12.12
CA LEU A 270 18.90 13.27 -11.34
C LEU A 270 19.53 13.66 -10.00
N THR A 271 19.42 14.95 -9.66
CA THR A 271 19.95 15.45 -8.39
C THR A 271 18.81 15.78 -7.43
N ARG A 272 18.97 15.37 -6.17
CA ARG A 272 17.94 15.56 -5.16
C ARG A 272 18.48 16.19 -3.88
N SER A 273 17.68 17.09 -3.30
CA SER A 273 18.01 17.73 -2.04
C SER A 273 16.80 17.66 -1.11
N TRP A 274 17.01 17.96 0.17
CA TRP A 274 15.92 17.97 1.14
C TRP A 274 14.94 19.10 0.83
N GLU A 275 13.70 18.72 0.53
CA GLU A 275 12.67 19.66 0.09
C GLU A 275 12.09 20.45 1.25
N MET B 1 28.77 -28.58 1.47
CA MET B 1 29.37 -28.10 2.74
C MET B 1 29.87 -26.65 2.62
N VAL B 2 29.08 -25.81 1.96
CA VAL B 2 29.33 -24.38 1.88
C VAL B 2 28.12 -23.65 2.43
N GLN B 3 28.32 -22.91 3.52
CA GLN B 3 27.20 -22.30 4.26
C GLN B 3 27.29 -20.78 4.32
N HIS B 4 26.19 -20.13 3.94
CA HIS B 4 26.09 -18.66 3.93
C HIS B 4 24.91 -18.23 4.78
N ALA B 5 25.17 -17.34 5.74
CA ALA B 5 24.13 -16.81 6.62
C ALA B 5 23.19 -15.85 5.88
N PRO B 6 21.90 -15.89 6.20
CA PRO B 6 20.89 -15.08 5.51
C PRO B 6 21.05 -13.59 5.73
N LYS B 7 20.57 -12.79 4.79
CA LYS B 7 20.51 -11.34 4.93
C LYS B 7 19.05 -10.94 4.82
N ILE B 8 18.54 -10.27 5.86
CA ILE B 8 17.12 -9.97 5.95
C ILE B 8 16.84 -8.48 5.79
N GLN B 9 15.76 -8.17 5.06
CA GLN B 9 15.22 -6.81 4.99
C GLN B 9 13.71 -6.89 5.13
N VAL B 10 13.17 -6.18 6.12
CA VAL B 10 11.72 -6.12 6.32
C VAL B 10 11.22 -4.70 6.09
N TYR B 11 10.27 -4.55 5.18
CA TYR B 11 9.86 -3.25 4.65
C TYR B 11 8.50 -3.36 3.95
N SER B 12 7.93 -2.21 3.60
CA SER B 12 6.65 -2.17 2.89
C SER B 12 6.84 -1.73 1.44
N ARG B 13 5.87 -2.09 0.59
CA ARG B 13 5.91 -1.76 -0.84
C ARG B 13 5.81 -0.24 -1.05
N HIS B 14 4.88 0.37 -0.32
CA HIS B 14 4.67 1.82 -0.38
C HIS B 14 5.00 2.42 0.98
N PRO B 15 5.34 3.72 1.01
CA PRO B 15 5.49 4.40 2.30
C PRO B 15 4.28 4.15 3.18
N ALA B 16 4.53 3.76 4.43
CA ALA B 16 3.47 3.34 5.34
C ALA B 16 2.64 4.53 5.86
N GLU B 17 1.32 4.41 5.70
CA GLU B 17 0.38 5.33 6.31
C GLU B 17 -0.48 4.53 7.26
N ASN B 18 -0.75 5.10 8.43
CA ASN B 18 -1.51 4.40 9.46
C ASN B 18 -2.89 3.97 8.98
N GLY B 19 -3.17 2.68 9.12
CA GLY B 19 -4.47 2.12 8.76
C GLY B 19 -4.73 1.96 7.26
N LYS B 20 -3.70 2.19 6.45
CA LYS B 20 -3.82 2.16 5.00
C LYS B 20 -3.19 0.89 4.43
N PRO B 21 -4.02 -0.06 3.96
CA PRO B 21 -3.59 -1.36 3.42
C PRO B 21 -2.36 -1.30 2.52
N ASN B 22 -1.37 -2.12 2.86
CA ASN B 22 -0.07 -2.12 2.19
C ASN B 22 0.44 -3.57 2.06
N PHE B 23 1.64 -3.73 1.53
CA PHE B 23 2.23 -5.06 1.37
C PHE B 23 3.53 -5.18 2.17
N LEU B 24 3.54 -6.13 3.11
CA LEU B 24 4.71 -6.38 3.95
C LEU B 24 5.66 -7.35 3.25
N ASN B 25 6.87 -6.88 2.98
CA ASN B 25 7.88 -7.69 2.31
C ASN B 25 8.99 -8.11 3.25
N CYS B 26 9.37 -9.38 3.18
CA CYS B 26 10.57 -9.88 3.83
C CYS B 26 11.52 -10.43 2.78
N TYR B 27 12.64 -9.74 2.59
CA TYR B 27 13.60 -10.08 1.55
C TYR B 27 14.84 -10.78 2.12
N VAL B 28 14.87 -12.10 2.00
CA VAL B 28 15.95 -12.93 2.54
C VAL B 28 16.90 -13.34 1.42
N SER B 29 18.16 -12.90 1.52
CA SER B 29 19.15 -13.13 0.48
C SER B 29 20.51 -13.59 1.01
N GLY B 30 21.37 -14.04 0.09
CA GLY B 30 22.73 -14.44 0.42
C GLY B 30 22.87 -15.66 1.30
N PHE B 31 21.90 -16.59 1.23
CA PHE B 31 21.93 -17.78 2.09
C PHE B 31 22.17 -19.09 1.33
N HIS B 32 22.74 -20.06 2.05
CA HIS B 32 23.04 -21.40 1.55
C HIS B 32 23.28 -22.28 2.79
N PRO B 33 22.75 -23.50 2.85
CA PRO B 33 21.99 -24.18 1.79
C PRO B 33 20.58 -23.63 1.56
N PRO B 34 19.89 -24.12 0.51
CA PRO B 34 18.61 -23.54 0.07
C PRO B 34 17.44 -23.69 1.04
N GLU B 35 17.34 -24.82 1.74
CA GLU B 35 16.17 -25.04 2.61
C GLU B 35 16.18 -24.06 3.79
N ILE B 36 15.04 -23.41 3.98
CA ILE B 36 14.92 -22.29 4.90
C ILE B 36 13.45 -22.12 5.30
N GLU B 37 13.22 -21.75 6.55
CA GLU B 37 11.86 -21.45 7.02
C GLU B 37 11.71 -19.95 7.25
N ILE B 38 10.79 -19.34 6.52
CA ILE B 38 10.55 -17.91 6.61
C ILE B 38 9.07 -17.62 6.87
N ASP B 39 8.78 -17.08 8.05
CA ASP B 39 7.41 -16.75 8.43
C ASP B 39 7.26 -15.24 8.67
N LEU B 40 6.09 -14.71 8.34
CA LEU B 40 5.74 -13.33 8.67
C LEU B 40 4.80 -13.32 9.88
N LEU B 41 5.16 -12.50 10.88
CA LEU B 41 4.45 -12.51 12.16
C LEU B 41 3.73 -11.20 12.46
N LYS B 42 2.43 -11.30 12.73
CA LYS B 42 1.63 -10.18 13.23
C LYS B 42 1.31 -10.44 14.69
N ASN B 43 1.94 -9.67 15.58
CA ASN B 43 1.84 -9.87 17.02
C ASN B 43 2.25 -11.29 17.43
N GLY B 44 3.26 -11.82 16.75
CA GLY B 44 3.74 -13.19 16.99
C GLY B 44 2.93 -14.27 16.30
N GLU B 45 1.85 -13.87 15.65
CA GLU B 45 0.96 -14.81 14.94
C GLU B 45 1.42 -15.03 13.50
N LYS B 46 1.36 -16.28 13.06
CA LYS B 46 1.73 -16.67 11.70
C LYS B 46 0.70 -16.14 10.70
N MET B 47 1.17 -15.39 9.71
CA MET B 47 0.32 -14.84 8.66
C MET B 47 0.44 -15.70 7.40
N LYS B 48 -0.66 -15.87 6.68
CA LYS B 48 -0.59 -16.57 5.39
C LYS B 48 -0.07 -15.65 4.30
N ALA B 49 1.15 -15.95 3.85
CA ALA B 49 1.86 -15.14 2.87
C ALA B 49 2.32 -16.03 1.73
N GLU B 50 2.42 -15.44 0.54
CA GLU B 50 2.92 -16.18 -0.63
C GLU B 50 4.41 -15.95 -0.83
N GLN B 51 5.15 -17.06 -0.86
CA GLN B 51 6.59 -17.06 -1.09
C GLN B 51 6.83 -16.96 -2.60
N SER B 52 7.83 -16.17 -2.98
CA SER B 52 8.24 -16.09 -4.38
C SER B 52 9.05 -17.35 -4.77
N ASP B 53 9.38 -17.46 -6.05
CA ASP B 53 10.09 -18.62 -6.54
C ASP B 53 11.60 -18.50 -6.33
N LEU B 54 12.18 -19.55 -5.74
CA LEU B 54 13.60 -19.56 -5.37
C LEU B 54 14.54 -19.27 -6.54
N SER B 55 15.52 -18.43 -6.28
CA SER B 55 16.57 -18.10 -7.24
C SER B 55 17.89 -17.83 -6.50
N PHE B 56 18.92 -17.42 -7.24
CA PHE B 56 20.21 -17.11 -6.65
C PHE B 56 20.95 -15.99 -7.38
N SER B 57 22.01 -15.48 -6.77
CA SER B 57 22.86 -14.46 -7.38
C SER B 57 24.11 -15.10 -7.96
N LYS B 58 25.06 -14.28 -8.42
CA LYS B 58 26.20 -14.77 -9.17
C LYS B 58 27.31 -15.35 -8.29
N ASP B 59 27.08 -15.39 -6.97
CA ASP B 59 27.96 -16.08 -6.04
C ASP B 59 27.34 -17.41 -5.59
N TRP B 60 26.23 -17.78 -6.25
CA TRP B 60 25.49 -19.03 -6.00
C TRP B 60 24.63 -19.02 -4.73
N THR B 61 24.56 -17.87 -4.08
CA THR B 61 23.78 -17.74 -2.85
C THR B 61 22.33 -17.35 -3.16
N PHE B 62 21.40 -17.99 -2.46
CA PHE B 62 19.97 -17.91 -2.78
C PHE B 62 19.30 -16.63 -2.29
N TYR B 63 18.17 -16.29 -2.92
CA TYR B 63 17.31 -15.22 -2.44
C TYR B 63 15.82 -15.56 -2.57
N LEU B 64 15.05 -15.16 -1.55
CA LEU B 64 13.59 -15.33 -1.54
C LEU B 64 12.91 -14.08 -1.02
N LEU B 65 11.71 -13.81 -1.55
CA LEU B 65 10.88 -12.73 -1.08
C LEU B 65 9.54 -13.28 -0.58
N VAL B 66 9.33 -13.17 0.72
CA VAL B 66 8.06 -13.55 1.33
C VAL B 66 7.26 -12.27 1.58
N HIS B 67 6.06 -12.21 1.01
CA HIS B 67 5.22 -11.02 1.13
C HIS B 67 3.75 -11.33 1.39
N THR B 68 3.06 -10.38 2.00
CA THR B 68 1.63 -10.47 2.26
C THR B 68 0.99 -9.09 2.47
N GLU B 69 -0.34 -9.04 2.39
CA GLU B 69 -1.09 -7.82 2.68
C GLU B 69 -1.07 -7.56 4.18
N PHE B 70 -0.90 -6.28 4.54
CA PHE B 70 -0.96 -5.87 5.94
C PHE B 70 -1.45 -4.43 6.10
N THR B 71 -1.95 -4.11 7.29
CA THR B 71 -2.40 -2.75 7.61
C THR B 71 -1.43 -2.14 8.62
N PRO B 72 -0.54 -1.23 8.15
CA PRO B 72 0.52 -0.62 8.97
C PRO B 72 -0.02 0.29 10.07
N ASN B 73 0.41 0.02 11.31
CA ASN B 73 0.08 0.84 12.47
C ASN B 73 1.09 0.68 13.59
N GLY B 74 1.02 1.55 14.60
CA GLY B 74 1.93 1.52 15.73
C GLY B 74 1.60 0.47 16.77
N GLN B 75 0.32 0.08 16.84
CA GLN B 75 -0.17 -0.87 17.85
C GLN B 75 0.36 -2.29 17.60
N ASP B 76 0.11 -2.80 16.40
CA ASP B 76 0.53 -4.15 16.02
C ASP B 76 2.03 -4.26 15.85
N GLU B 77 2.55 -5.47 15.99
CA GLU B 77 3.98 -5.73 15.90
C GLU B 77 4.25 -6.74 14.80
N PHE B 78 4.70 -6.23 13.65
CA PHE B 78 4.98 -7.06 12.47
C PHE B 78 6.47 -7.40 12.38
N SER B 79 6.75 -8.67 12.08
CA SER B 79 8.13 -9.13 11.97
C SER B 79 8.30 -10.29 10.99
N CYS B 80 9.56 -10.64 10.72
CA CYS B 80 9.89 -11.77 9.86
C CYS B 80 10.85 -12.74 10.56
N ARG B 81 10.35 -13.92 10.92
CA ARG B 81 11.18 -14.95 11.54
C ARG B 81 11.81 -15.85 10.49
N VAL B 82 13.10 -16.11 10.65
CA VAL B 82 13.86 -16.93 9.71
C VAL B 82 14.62 -18.04 10.44
N LYS B 83 14.38 -19.28 10.00
CA LYS B 83 15.09 -20.45 10.50
C LYS B 83 16.06 -20.97 9.44
N HIS B 84 17.30 -21.23 9.85
CA HIS B 84 18.35 -21.70 8.94
C HIS B 84 19.41 -22.47 9.72
N VAL B 85 20.12 -23.35 9.02
CA VAL B 85 21.19 -24.16 9.63
C VAL B 85 22.33 -23.29 10.18
N THR B 86 22.66 -22.21 9.46
CA THR B 86 23.71 -21.27 9.88
C THR B 86 23.33 -20.55 11.16
N LEU B 87 22.02 -20.47 11.44
CA LEU B 87 21.52 -19.73 12.58
C LEU B 87 21.45 -20.60 13.83
N SER B 88 22.09 -20.12 14.90
CA SER B 88 22.08 -20.78 16.20
C SER B 88 20.68 -20.77 16.80
N GLU B 89 19.94 -19.70 16.52
CA GLU B 89 18.57 -19.56 16.96
C GLU B 89 17.76 -18.88 15.85
N PRO B 90 16.43 -19.09 15.83
CA PRO B 90 15.61 -18.38 14.86
C PRO B 90 15.69 -16.88 15.11
N GLN B 91 16.15 -16.12 14.12
CA GLN B 91 16.20 -14.67 14.28
C GLN B 91 15.00 -13.97 13.68
N ILE B 92 14.37 -13.14 14.50
CA ILE B 92 13.15 -12.43 14.15
C ILE B 92 13.50 -10.95 13.99
N ILE B 93 13.06 -10.37 12.87
CA ILE B 93 13.39 -8.97 12.55
C ILE B 93 12.14 -8.10 12.48
N LYS B 94 12.08 -7.11 13.37
CA LYS B 94 10.94 -6.19 13.49
C LYS B 94 10.85 -5.27 12.27
N TRP B 95 9.62 -4.94 11.90
CA TRP B 95 9.37 -3.98 10.83
C TRP B 95 9.24 -2.57 11.38
N GLU B 96 9.89 -1.62 10.71
CA GLU B 96 9.87 -0.21 11.11
C GLU B 96 9.54 0.66 9.90
N ARG B 97 8.63 1.62 10.11
CA ARG B 97 8.07 2.44 9.02
C ARG B 97 9.09 3.31 8.28
N ASP B 98 9.70 4.26 9.00
CA ASP B 98 10.77 5.10 8.45
C ASP B 98 12.03 4.24 8.30
N ASN B 99 11.92 3.21 7.47
CA ASN B 99 12.93 2.17 7.33
C ASN B 99 14.31 2.71 6.95
N GLY C 1 -13.59 31.25 15.61
CA GLY C 1 -13.01 31.21 14.24
C GLY C 1 -14.06 31.15 13.14
N SER C 2 -13.68 30.58 12.01
CA SER C 2 -14.55 30.48 10.84
C SER C 2 -15.52 29.31 10.92
N HIS C 3 -16.65 29.43 10.22
CA HIS C 3 -17.70 28.41 10.25
C HIS C 3 -18.15 28.02 8.84
N SER C 4 -18.89 26.91 8.73
CA SER C 4 -19.34 26.41 7.43
C SER C 4 -20.63 25.61 7.51
N MET C 5 -21.49 25.81 6.51
CA MET C 5 -22.63 24.91 6.29
C MET C 5 -22.37 24.10 5.03
N ARG C 6 -22.54 22.79 5.13
CA ARG C 6 -22.26 21.88 4.02
C ARG C 6 -23.28 20.76 3.91
N TYR C 7 -23.69 20.46 2.68
CA TYR C 7 -24.56 19.31 2.40
C TYR C 7 -23.79 18.25 1.61
N PHE C 8 -24.04 16.99 1.95
CA PHE C 8 -23.40 15.86 1.29
C PHE C 8 -24.45 14.92 0.70
N TYR C 9 -24.48 14.87 -0.63
CA TYR C 9 -25.42 14.01 -1.36
C TYR C 9 -24.73 12.79 -1.94
N THR C 10 -25.42 11.66 -1.95
CA THR C 10 -24.92 10.43 -2.57
C THR C 10 -26.05 9.64 -3.23
N ALA C 11 -25.92 9.45 -4.54
CA ALA C 11 -26.89 8.69 -5.33
C ALA C 11 -26.23 7.46 -5.93
N VAL C 12 -26.68 6.29 -5.48
CA VAL C 12 -26.12 5.02 -5.93
C VAL C 12 -27.19 4.21 -6.67
N SER C 13 -26.93 3.94 -7.94
CA SER C 13 -27.85 3.18 -8.77
C SER C 13 -27.94 1.72 -8.34
N ARG C 14 -29.14 1.18 -8.35
CA ARG C 14 -29.36 -0.23 -8.02
C ARG C 14 -30.07 -0.94 -9.16
N PRO C 15 -29.31 -1.36 -10.19
CA PRO C 15 -29.89 -1.99 -11.37
C PRO C 15 -30.59 -3.31 -11.04
N GLY C 16 -31.78 -3.49 -11.59
CA GLY C 16 -32.56 -4.71 -11.35
C GLY C 16 -33.31 -4.69 -10.03
N ARG C 17 -32.62 -4.27 -8.97
CA ARG C 17 -33.20 -4.24 -7.63
C ARG C 17 -33.74 -2.86 -7.22
N GLY C 18 -34.69 -2.34 -8.01
CA GLY C 18 -35.47 -1.17 -7.66
C GLY C 18 -34.83 0.21 -7.78
N GLU C 19 -35.52 1.20 -7.20
CA GLU C 19 -35.08 2.60 -7.19
C GLU C 19 -33.68 2.81 -6.62
N PRO C 20 -32.90 3.75 -7.21
CA PRO C 20 -31.58 4.08 -6.70
C PRO C 20 -31.64 4.75 -5.33
N ARG C 21 -30.60 4.57 -4.52
CA ARG C 21 -30.58 5.08 -3.14
C ARG C 21 -30.01 6.49 -3.04
N PHE C 22 -30.79 7.40 -2.47
CA PHE C 22 -30.40 8.80 -2.28
C PHE C 22 -30.20 9.09 -0.80
N ILE C 23 -28.97 9.44 -0.42
CA ILE C 23 -28.64 9.82 0.95
C ILE C 23 -28.16 11.27 0.98
N ALA C 24 -28.88 12.11 1.70
CA ALA C 24 -28.46 13.49 1.93
C ALA C 24 -28.15 13.71 3.40
N VAL C 25 -27.09 14.47 3.67
CA VAL C 25 -26.66 14.74 5.04
C VAL C 25 -26.08 16.16 5.16
N GLY C 26 -26.64 16.95 6.06
CA GLY C 26 -26.23 18.34 6.25
C GLY C 26 -25.38 18.55 7.48
N TYR C 27 -24.33 19.34 7.32
CA TYR C 27 -23.39 19.66 8.40
C TYR C 27 -23.32 21.16 8.66
N VAL C 28 -23.23 21.53 9.93
CA VAL C 28 -22.72 22.85 10.32
C VAL C 28 -21.39 22.58 11.02
N ASP C 29 -20.31 23.13 10.45
CA ASP C 29 -18.95 22.83 10.88
C ASP C 29 -18.70 21.32 10.88
N ASP C 30 -18.68 20.73 12.07
CA ASP C 30 -18.46 19.29 12.19
C ASP C 30 -19.66 18.59 12.84
N THR C 31 -20.78 19.31 12.93
CA THR C 31 -22.01 18.78 13.53
C THR C 31 -23.07 18.51 12.48
N GLN C 32 -23.43 17.24 12.33
CA GLN C 32 -24.53 16.85 11.47
C GLN C 32 -25.83 17.28 12.11
N PHE C 33 -26.63 18.04 11.37
CA PHE C 33 -27.90 18.53 11.91
C PHE C 33 -29.12 17.95 11.21
N VAL C 34 -28.91 17.37 10.03
CA VAL C 34 -30.01 16.91 9.19
C VAL C 34 -29.61 15.71 8.33
N ARG C 35 -30.57 14.83 8.07
CA ARG C 35 -30.31 13.64 7.22
C ARG C 35 -31.54 13.21 6.42
N PHE C 36 -31.29 12.76 5.19
CA PHE C 36 -32.32 12.22 4.31
C PHE C 36 -31.87 10.86 3.78
N ASP C 37 -32.80 9.91 3.79
CA ASP C 37 -32.54 8.60 3.23
C ASP C 37 -33.77 8.09 2.47
N SER C 38 -33.56 7.79 1.19
CA SER C 38 -34.61 7.24 0.33
C SER C 38 -35.11 5.89 0.84
N ASP C 39 -34.24 5.15 1.52
CA ASP C 39 -34.55 3.83 2.05
C ASP C 39 -34.83 3.81 3.56
N SER C 40 -35.10 4.98 4.14
CA SER C 40 -35.41 5.07 5.57
C SER C 40 -36.90 4.88 5.85
N ALA C 41 -37.23 4.59 7.10
CA ALA C 41 -38.61 4.38 7.55
C ALA C 41 -39.53 5.52 7.11
N SER C 42 -39.24 6.73 7.57
CA SER C 42 -39.91 7.92 7.05
C SER C 42 -39.03 8.49 5.94
N ARG C 43 -39.59 8.59 4.73
CA ARG C 43 -38.83 9.00 3.57
C ARG C 43 -38.48 10.48 3.56
N ARG C 44 -38.91 11.21 4.58
CA ARG C 44 -38.67 12.65 4.65
C ARG C 44 -37.38 13.05 5.39
N MET C 45 -37.08 14.35 5.36
CA MET C 45 -35.92 14.94 6.03
C MET C 45 -36.08 14.86 7.56
N GLU C 46 -34.99 14.51 8.24
CA GLU C 46 -35.05 14.27 9.68
C GLU C 46 -33.99 15.05 10.46
N PRO C 47 -34.37 15.55 11.66
CA PRO C 47 -33.45 16.25 12.57
C PRO C 47 -32.35 15.36 13.15
N ARG C 48 -31.13 15.89 13.23
CA ARG C 48 -30.01 15.17 13.85
C ARG C 48 -29.35 15.93 15.00
N ALA C 49 -29.67 17.22 15.11
CA ALA C 49 -29.14 18.06 16.18
C ALA C 49 -30.28 18.57 17.09
N PRO C 50 -29.99 18.79 18.38
CA PRO C 50 -31.00 19.32 19.31
C PRO C 50 -31.57 20.68 18.88
N TRP C 51 -30.70 21.55 18.36
CA TRP C 51 -31.09 22.92 18.02
C TRP C 51 -31.87 23.06 16.71
N ILE C 52 -31.99 21.97 15.96
CA ILE C 52 -32.74 22.00 14.70
C ILE C 52 -34.22 21.64 14.89
N GLU C 53 -34.55 21.10 16.06
CA GLU C 53 -35.94 20.79 16.41
C GLU C 53 -36.80 22.05 16.51
N GLN C 54 -36.15 23.18 16.79
CA GLN C 54 -36.83 24.47 16.91
C GLN C 54 -37.14 25.09 15.54
N GLU C 55 -37.50 24.23 14.58
CA GLU C 55 -37.81 24.66 13.22
C GLU C 55 -39.21 24.23 12.80
N GLY C 56 -39.88 25.09 12.05
CA GLY C 56 -41.30 24.93 11.71
C GLY C 56 -41.63 23.71 10.86
N PRO C 57 -42.88 23.23 10.95
CA PRO C 57 -43.35 22.14 10.10
C PRO C 57 -43.18 22.46 8.61
N GLU C 58 -43.38 23.73 8.26
CA GLU C 58 -43.18 24.24 6.90
C GLU C 58 -41.73 24.11 6.44
N TYR C 59 -40.79 24.20 7.38
CA TYR C 59 -39.37 24.05 7.10
C TYR C 59 -39.03 22.58 6.76
N TRP C 60 -39.69 21.66 7.45
CA TRP C 60 -39.48 20.23 7.23
C TRP C 60 -40.12 19.74 5.95
N ASP C 61 -41.24 20.36 5.58
CA ASP C 61 -41.89 20.09 4.29
C ASP C 61 -41.02 20.58 3.14
N ARG C 62 -40.49 21.79 3.28
CA ARG C 62 -39.65 22.40 2.26
C ARG C 62 -38.38 21.60 2.01
N ASN C 63 -37.66 21.25 3.08
CA ASN C 63 -36.39 20.53 2.96
C ASN C 63 -36.52 19.09 2.49
N THR C 64 -37.67 18.48 2.77
CA THR C 64 -38.01 17.17 2.22
C THR C 64 -38.19 17.30 0.71
N ARG C 65 -39.06 18.23 0.33
CA ARG C 65 -39.36 18.55 -1.07
C ARG C 65 -38.08 18.84 -1.86
N ILE C 66 -37.14 19.56 -1.24
CA ILE C 66 -35.86 19.90 -1.88
C ILE C 66 -35.05 18.63 -2.16
N ALA C 67 -34.95 17.76 -1.17
CA ALA C 67 -34.23 16.50 -1.33
C ALA C 67 -34.89 15.61 -2.39
N GLU C 68 -36.21 15.64 -2.44
CA GLU C 68 -36.98 14.88 -3.44
C GLU C 68 -36.81 15.44 -4.84
N ASP C 69 -36.67 16.76 -4.94
CA ASP C 69 -36.38 17.41 -6.21
C ASP C 69 -34.97 17.08 -6.66
N ASN C 70 -34.05 17.02 -5.70
CA ASN C 70 -32.67 16.65 -5.98
C ASN C 70 -32.48 15.15 -6.20
N ALA C 71 -33.41 14.35 -5.66
CA ALA C 71 -33.43 12.91 -5.92
C ALA C 71 -33.77 12.64 -7.38
N GLN C 72 -34.88 13.24 -7.85
CA GLN C 72 -35.32 13.07 -9.24
C GLN C 72 -34.36 13.68 -10.24
N ALA C 73 -33.60 14.68 -9.80
CA ALA C 73 -32.54 15.27 -10.60
C ALA C 73 -31.40 14.26 -10.79
N PHE C 74 -30.96 13.67 -9.68
CA PHE C 74 -29.84 12.73 -9.68
C PHE C 74 -30.16 11.36 -10.28
N ARG C 75 -31.44 10.99 -10.27
CA ARG C 75 -31.86 9.76 -10.94
C ARG C 75 -31.62 9.91 -12.44
N VAL C 76 -32.16 10.99 -13.01
CA VAL C 76 -31.96 11.33 -14.42
C VAL C 76 -30.46 11.42 -14.73
N ASP C 77 -29.70 11.99 -13.81
CA ASP C 77 -28.25 12.15 -13.95
C ASP C 77 -27.50 10.83 -14.09
N LEU C 78 -27.99 9.79 -13.41
CA LEU C 78 -27.38 8.48 -13.47
C LEU C 78 -27.63 7.79 -14.81
N GLN C 79 -28.84 7.96 -15.34
CA GLN C 79 -29.21 7.44 -16.65
C GLN C 79 -28.45 8.14 -17.77
N THR C 80 -28.43 9.47 -17.74
CA THR C 80 -27.75 10.25 -18.79
C THR C 80 -26.24 10.06 -18.79
N ALA C 81 -25.66 9.78 -17.62
CA ALA C 81 -24.22 9.49 -17.52
C ALA C 81 -23.85 8.20 -18.24
N LEU C 82 -24.69 7.18 -18.10
CA LEU C 82 -24.51 5.89 -18.78
C LEU C 82 -24.44 6.05 -20.30
N ARG C 83 -25.33 6.88 -20.83
CA ARG C 83 -25.36 7.23 -22.25
C ARG C 83 -24.08 7.97 -22.66
N TYR C 84 -23.67 8.93 -21.85
CA TYR C 84 -22.47 9.73 -22.09
C TYR C 84 -21.21 8.89 -22.23
N TYR C 85 -21.05 7.91 -21.34
CA TYR C 85 -19.86 7.07 -21.29
C TYR C 85 -20.04 5.73 -21.98
N ASN C 86 -21.21 5.50 -22.58
CA ASN C 86 -21.57 4.21 -23.17
C ASN C 86 -21.30 3.07 -22.19
N GLN C 87 -22.09 3.01 -21.13
CA GLN C 87 -21.87 2.04 -20.05
C GLN C 87 -23.03 1.09 -19.84
N SER C 88 -22.72 -0.09 -19.32
CA SER C 88 -23.70 -1.15 -19.07
C SER C 88 -24.76 -0.71 -18.06
N GLU C 89 -26.01 -1.02 -18.39
CA GLU C 89 -27.15 -0.75 -17.51
C GLU C 89 -27.23 -1.75 -16.35
N ALA C 90 -26.33 -2.73 -16.36
CA ALA C 90 -26.20 -3.70 -15.26
C ALA C 90 -25.28 -3.16 -14.18
N GLY C 91 -24.35 -2.30 -14.57
CA GLY C 91 -23.37 -1.72 -13.65
C GLY C 91 -23.99 -0.78 -12.63
N SER C 92 -23.61 -0.96 -11.37
CA SER C 92 -24.00 -0.07 -10.29
C SER C 92 -23.02 1.10 -10.23
N HIS C 93 -23.53 2.30 -10.52
CA HIS C 93 -22.71 3.51 -10.54
C HIS C 93 -23.13 4.50 -9.45
N THR C 94 -22.21 5.40 -9.09
CA THR C 94 -22.46 6.35 -8.00
C THR C 94 -22.08 7.80 -8.33
N ILE C 95 -22.94 8.73 -7.89
CA ILE C 95 -22.65 10.16 -7.97
C ILE C 95 -22.71 10.77 -6.58
N GLN C 96 -21.75 11.65 -6.30
CA GLN C 96 -21.70 12.39 -5.04
C GLN C 96 -21.75 13.89 -5.32
N TRP C 97 -22.46 14.62 -4.46
CA TRP C 97 -22.50 16.08 -4.55
C TRP C 97 -22.21 16.73 -3.21
N MET C 98 -21.32 17.71 -3.23
CA MET C 98 -20.99 18.49 -2.05
C MET C 98 -21.08 19.98 -2.33
N HIS C 99 -21.93 20.67 -1.58
CA HIS C 99 -22.09 22.10 -1.69
C HIS C 99 -22.21 22.77 -0.32
N GLY C 100 -22.06 24.09 -0.29
CA GLY C 100 -22.21 24.86 0.93
C GLY C 100 -21.49 26.20 0.88
N CYS C 101 -21.42 26.86 2.04
CA CYS C 101 -20.79 28.18 2.15
C CYS C 101 -19.93 28.29 3.41
N ASP C 102 -18.93 29.15 3.35
CA ASP C 102 -18.08 29.44 4.49
C ASP C 102 -18.24 30.88 4.95
N VAL C 103 -18.28 31.07 6.27
CA VAL C 103 -18.30 32.42 6.85
C VAL C 103 -17.10 32.66 7.75
N GLY C 104 -16.74 33.93 7.92
CA GLY C 104 -15.72 34.32 8.88
C GLY C 104 -16.30 34.41 10.27
N PRO C 105 -15.45 34.69 11.29
CA PRO C 105 -15.90 34.87 12.66
C PRO C 105 -16.89 36.03 12.81
N ASP C 106 -16.86 36.96 11.86
CA ASP C 106 -17.76 38.11 11.85
C ASP C 106 -19.12 37.78 11.22
N GLY C 107 -19.15 36.80 10.33
CA GLY C 107 -20.38 36.41 9.64
C GLY C 107 -20.39 36.68 8.16
N ARG C 108 -19.36 37.40 7.68
CA ARG C 108 -19.16 37.65 6.26
C ARG C 108 -18.89 36.35 5.50
N LEU C 109 -19.33 36.31 4.25
CA LEU C 109 -19.06 35.17 3.37
C LEU C 109 -17.59 35.12 2.97
N LEU C 110 -17.00 33.93 3.03
CA LEU C 110 -15.62 33.72 2.62
C LEU C 110 -15.51 33.05 1.25
N ARG C 111 -16.19 31.91 1.09
CA ARG C 111 -16.24 31.22 -0.20
C ARG C 111 -17.47 30.34 -0.34
N GLY C 112 -17.85 30.08 -1.58
CA GLY C 112 -18.90 29.12 -1.91
C GLY C 112 -18.36 28.00 -2.78
N TYR C 113 -19.04 26.86 -2.76
CA TYR C 113 -18.59 25.69 -3.51
C TYR C 113 -19.73 24.75 -3.87
N SER C 114 -19.62 24.13 -5.05
CA SER C 114 -20.55 23.11 -5.50
C SER C 114 -19.78 22.18 -6.43
N GLN C 115 -19.64 20.92 -6.02
CA GLN C 115 -18.76 19.97 -6.71
C GLN C 115 -19.38 18.60 -6.89
N LEU C 116 -19.09 17.97 -8.03
CA LEU C 116 -19.64 16.67 -8.38
C LEU C 116 -18.58 15.66 -8.79
N ALA C 117 -18.87 14.38 -8.54
CA ALA C 117 -17.98 13.29 -8.94
C ALA C 117 -18.76 12.07 -9.37
N TYR C 118 -18.35 11.48 -10.49
CA TYR C 118 -18.92 10.24 -10.98
C TYR C 118 -17.98 9.08 -10.67
N ASP C 119 -18.49 8.12 -9.91
CA ASP C 119 -17.74 6.93 -9.47
C ASP C 119 -16.46 7.27 -8.69
N GLY C 120 -16.45 8.43 -8.06
CA GLY C 120 -15.32 8.86 -7.24
C GLY C 120 -14.33 9.77 -7.96
N ALA C 121 -14.64 10.12 -9.20
CA ALA C 121 -13.79 10.99 -10.00
C ALA C 121 -14.47 12.32 -10.27
N ASP C 122 -13.76 13.42 -9.96
CA ASP C 122 -14.23 14.78 -10.25
C ASP C 122 -14.90 14.82 -11.61
N TYR C 123 -16.19 15.17 -11.63
CA TYR C 123 -16.89 15.37 -12.89
C TYR C 123 -16.90 16.85 -13.25
N ILE C 124 -17.62 17.64 -12.44
CA ILE C 124 -17.68 19.08 -12.61
C ILE C 124 -17.63 19.80 -11.27
N ALA C 125 -16.95 20.94 -11.24
CA ALA C 125 -16.80 21.72 -10.02
C ALA C 125 -17.01 23.21 -10.31
N LEU C 126 -17.76 23.88 -9.43
CA LEU C 126 -17.95 25.32 -9.54
C LEU C 126 -16.71 26.06 -9.04
N ASN C 127 -16.19 26.94 -9.89
CA ASN C 127 -15.00 27.72 -9.56
C ASN C 127 -15.23 28.69 -8.40
N GLU C 128 -14.13 29.07 -7.74
CA GLU C 128 -14.19 29.89 -6.53
C GLU C 128 -14.87 31.25 -6.74
N ASP C 129 -14.83 31.75 -7.97
CA ASP C 129 -15.48 33.02 -8.31
C ASP C 129 -17.00 32.89 -8.44
N LEU C 130 -17.48 31.65 -8.52
CA LEU C 130 -18.91 31.32 -8.55
C LEU C 130 -19.65 31.83 -9.80
N ARG C 131 -18.91 31.99 -10.89
CA ARG C 131 -19.50 32.41 -12.15
C ARG C 131 -19.19 31.41 -13.27
N SER C 132 -18.24 30.51 -13.01
CA SER C 132 -17.81 29.53 -14.01
C SER C 132 -17.59 28.13 -13.43
N TRP C 133 -17.55 27.14 -14.32
CA TRP C 133 -17.37 25.74 -13.93
C TRP C 133 -16.05 25.17 -14.44
N THR C 134 -15.51 24.21 -13.71
CA THR C 134 -14.38 23.41 -14.17
C THR C 134 -14.85 22.00 -14.46
N ALA C 135 -14.75 21.60 -15.73
CA ALA C 135 -15.13 20.27 -16.17
C ALA C 135 -13.91 19.37 -16.27
N ALA C 136 -14.09 18.08 -16.02
CA ALA C 136 -12.98 17.11 -16.04
C ALA C 136 -12.67 16.61 -17.45
N ASP C 137 -13.62 15.89 -18.03
CA ASP C 137 -13.47 15.39 -19.39
C ASP C 137 -14.45 16.09 -20.34
N THR C 138 -14.47 15.66 -21.60
CA THR C 138 -15.36 16.25 -22.61
C THR C 138 -16.84 15.96 -22.34
N ALA C 139 -17.12 14.85 -21.66
CA ALA C 139 -18.48 14.52 -21.23
C ALA C 139 -18.99 15.54 -20.21
N ALA C 140 -18.09 16.00 -19.35
CA ALA C 140 -18.41 17.04 -18.38
C ALA C 140 -18.47 18.40 -19.05
N GLN C 141 -17.74 18.57 -20.15
CA GLN C 141 -17.75 19.81 -20.92
C GLN C 141 -19.08 20.03 -21.63
N ILE C 142 -19.79 18.94 -21.92
CA ILE C 142 -21.13 19.00 -22.49
C ILE C 142 -22.13 19.47 -21.42
N THR C 143 -21.97 18.95 -20.22
CA THR C 143 -22.77 19.36 -19.08
C THR C 143 -22.46 20.81 -18.70
N ARG C 144 -21.19 21.18 -18.74
CA ARG C 144 -20.73 22.55 -18.46
C ARG C 144 -21.41 23.55 -19.40
N ARG C 145 -21.39 23.25 -20.69
CA ARG C 145 -21.99 24.09 -21.73
C ARG C 145 -23.51 24.21 -21.56
N LYS C 146 -24.14 23.11 -21.18
CA LYS C 146 -25.58 23.04 -20.93
C LYS C 146 -25.98 23.86 -19.69
N TRP C 147 -25.11 23.83 -18.69
CA TRP C 147 -25.38 24.48 -17.40
C TRP C 147 -25.19 25.98 -17.42
N GLU C 148 -24.33 26.47 -18.31
CA GLU C 148 -24.20 27.90 -18.56
C GLU C 148 -25.50 28.42 -19.15
N ALA C 149 -26.11 27.61 -20.02
CA ALA C 149 -27.42 27.92 -20.58
C ALA C 149 -28.54 27.74 -19.56
N ALA C 150 -28.34 26.81 -18.63
CA ALA C 150 -29.30 26.56 -17.55
C ALA C 150 -29.26 27.66 -16.49
N GLY C 151 -28.10 28.27 -16.32
CA GLY C 151 -27.90 29.31 -15.32
C GLY C 151 -27.82 28.77 -13.89
N GLU C 152 -27.20 27.61 -13.74
CA GLU C 152 -27.08 26.95 -12.44
C GLU C 152 -26.07 27.67 -11.55
N ALA C 153 -24.94 28.06 -12.14
CA ALA C 153 -23.92 28.84 -11.46
C ALA C 153 -24.50 30.15 -10.93
N GLU C 154 -25.31 30.79 -11.77
CA GLU C 154 -25.95 32.06 -11.47
C GLU C 154 -26.91 31.93 -10.29
N ARG C 155 -27.69 30.85 -10.27
CA ARG C 155 -28.65 30.62 -9.19
C ARG C 155 -28.01 30.16 -7.89
N TYR C 156 -26.91 29.39 -8.00
CA TYR C 156 -26.20 28.97 -6.79
C TYR C 156 -25.45 30.12 -6.15
N ARG C 157 -24.88 30.99 -6.99
CA ARG C 157 -24.22 32.21 -6.52
C ARG C 157 -25.22 33.08 -5.80
N ASN C 158 -26.43 33.14 -6.35
CA ASN C 158 -27.54 33.86 -5.76
C ASN C 158 -27.96 33.22 -4.43
N TYR C 159 -27.91 31.88 -4.39
CA TYR C 159 -28.24 31.13 -3.18
C TYR C 159 -27.18 31.33 -2.09
N VAL C 160 -25.92 31.09 -2.43
CA VAL C 160 -24.80 31.16 -1.48
C VAL C 160 -24.67 32.54 -0.80
N GLU C 161 -24.83 33.60 -1.60
CA GLU C 161 -24.77 34.97 -1.08
C GLU C 161 -25.99 35.32 -0.24
N GLY C 162 -27.09 34.62 -0.49
CA GLY C 162 -28.35 34.89 0.19
C GLY C 162 -28.71 33.89 1.27
N GLU C 163 -29.48 32.89 0.89
CA GLU C 163 -30.05 31.92 1.83
C GLU C 163 -29.00 31.10 2.58
N CYS C 164 -27.94 30.69 1.90
CA CYS C 164 -26.89 29.86 2.48
C CYS C 164 -26.27 30.57 3.68
N VAL C 165 -25.84 31.80 3.46
CA VAL C 165 -25.15 32.59 4.46
C VAL C 165 -26.08 32.95 5.63
N GLU C 166 -27.35 33.22 5.32
CA GLU C 166 -28.34 33.64 6.31
C GLU C 166 -28.79 32.50 7.22
N TRP C 167 -29.00 31.32 6.65
CA TRP C 167 -29.44 30.15 7.40
C TRP C 167 -28.37 29.62 8.35
N LEU C 168 -27.10 29.76 7.93
CA LEU C 168 -25.96 29.37 8.75
C LEU C 168 -25.88 30.22 10.01
N ARG C 169 -26.04 31.53 9.84
CA ARG C 169 -26.07 32.47 10.97
C ARG C 169 -27.16 32.09 11.96
N ARG C 170 -28.36 31.78 11.44
CA ARG C 170 -29.46 31.30 12.26
C ARG C 170 -29.10 30.03 13.02
N TYR C 171 -28.54 29.04 12.31
CA TYR C 171 -28.16 27.76 12.92
C TYR C 171 -27.13 27.97 14.02
N LEU C 172 -26.12 28.79 13.75
CA LEU C 172 -25.06 29.09 14.71
C LEU C 172 -25.60 29.81 15.95
N GLU C 173 -26.63 30.62 15.75
CA GLU C 173 -27.26 31.35 16.84
C GLU C 173 -28.21 30.43 17.63
N ASN C 174 -28.99 29.64 16.92
CA ASN C 174 -29.91 28.68 17.55
C ASN C 174 -29.18 27.55 18.25
N GLY C 175 -27.96 27.28 17.82
CA GLY C 175 -27.13 26.26 18.46
C GLY C 175 -25.91 26.87 19.13
N LYS C 176 -26.03 28.12 19.58
CA LYS C 176 -24.93 28.85 20.20
C LYS C 176 -24.21 28.04 21.30
N GLU C 177 -24.99 27.43 22.19
CA GLU C 177 -24.46 26.67 23.32
C GLU C 177 -23.56 25.53 22.84
N THR C 178 -24.02 24.81 21.82
CA THR C 178 -23.33 23.62 21.32
C THR C 178 -22.29 23.91 20.25
N LEU C 179 -22.58 24.88 19.37
CA LEU C 179 -21.73 25.15 18.22
C LEU C 179 -20.68 26.22 18.50
N GLN C 180 -21.12 27.36 19.03
CA GLN C 180 -20.24 28.50 19.27
C GLN C 180 -19.19 28.23 20.35
N ARG C 181 -19.56 27.39 21.32
CA ARG C 181 -18.65 27.03 22.41
C ARG C 181 -17.82 25.81 22.03
N ALA C 182 -16.52 26.02 21.87
CA ALA C 182 -15.58 24.96 21.54
C ALA C 182 -15.27 24.10 22.75
N GLU C 183 -15.21 22.79 22.55
CA GLU C 183 -14.83 21.85 23.59
C GLU C 183 -13.32 21.68 23.58
N THR C 184 -12.69 21.97 24.73
CA THR C 184 -11.24 21.87 24.87
C THR C 184 -10.79 20.41 25.00
N PRO C 185 -9.65 20.05 24.35
CA PRO C 185 -9.20 18.66 24.37
C PRO C 185 -8.59 18.22 25.69
N ASP C 186 -9.14 17.15 26.26
CA ASP C 186 -8.54 16.46 27.38
C ASP C 186 -7.34 15.68 26.82
N THR C 187 -6.13 16.14 27.13
CA THR C 187 -4.92 15.56 26.55
C THR C 187 -4.07 14.81 27.56
N ARG C 188 -3.61 13.62 27.16
CA ARG C 188 -2.79 12.77 28.02
C ARG C 188 -1.57 12.26 27.23
N VAL C 189 -0.49 11.99 27.94
CA VAL C 189 0.71 11.39 27.33
C VAL C 189 0.99 10.03 27.97
N THR C 190 1.17 9.01 27.13
CA THR C 190 1.39 7.64 27.61
C THR C 190 2.72 7.05 27.13
N ARG C 191 3.19 6.02 27.84
CA ARG C 191 4.42 5.33 27.51
C ARG C 191 4.18 3.83 27.34
N HIS C 192 4.72 3.26 26.27
CA HIS C 192 4.56 1.84 25.96
C HIS C 192 5.90 1.21 25.55
N PRO C 193 6.46 0.35 26.44
CA PRO C 193 7.76 -0.28 26.20
C PRO C 193 7.81 -1.14 24.93
N ILE C 194 8.84 -0.95 24.12
CA ILE C 194 9.08 -1.81 22.96
C ILE C 194 10.22 -2.78 23.29
N SER C 195 11.35 -2.22 23.69
CA SER C 195 12.52 -2.99 24.10
C SER C 195 13.26 -2.24 25.18
N ASP C 196 14.43 -2.76 25.57
CA ASP C 196 15.27 -2.14 26.59
C ASP C 196 15.69 -0.74 26.15
N GLN C 197 15.87 -0.58 24.84
CA GLN C 197 16.42 0.65 24.27
C GLN C 197 15.41 1.52 23.53
N LYS C 198 14.31 0.92 23.08
CA LYS C 198 13.30 1.67 22.33
C LYS C 198 11.95 1.68 23.06
N VAL C 199 11.21 2.78 22.89
CA VAL C 199 9.92 2.97 23.55
C VAL C 199 9.04 3.93 22.74
N THR C 200 7.72 3.70 22.78
CA THR C 200 6.75 4.58 22.09
C THR C 200 6.08 5.53 23.06
N LEU C 201 6.12 6.82 22.71
CA LEU C 201 5.37 7.83 23.45
C LEU C 201 4.19 8.28 22.61
N ARG C 202 3.02 8.33 23.24
CA ARG C 202 1.79 8.70 22.55
C ARG C 202 1.15 9.94 23.16
N CYS C 203 0.70 10.84 22.28
CA CYS C 203 0.04 12.07 22.69
C CYS C 203 -1.44 12.02 22.34
N TRP C 204 -2.27 11.80 23.36
CA TRP C 204 -3.71 11.66 23.18
C TRP C 204 -4.44 13.01 23.19
N ALA C 205 -5.52 13.10 22.42
CA ALA C 205 -6.40 14.25 22.44
C ALA C 205 -7.85 13.76 22.41
N LEU C 206 -8.57 14.00 23.51
CA LEU C 206 -9.91 13.43 23.68
C LEU C 206 -11.00 14.49 23.83
N GLY C 207 -12.17 14.18 23.25
CA GLY C 207 -13.38 14.97 23.45
C GLY C 207 -13.34 16.41 23.00
N PHE C 208 -12.59 16.70 21.94
CA PHE C 208 -12.46 18.07 21.46
C PHE C 208 -13.46 18.42 20.35
N TYR C 209 -13.81 19.70 20.30
CA TYR C 209 -14.65 20.26 19.24
C TYR C 209 -14.16 21.68 18.91
N PRO C 210 -14.03 22.02 17.63
CA PRO C 210 -14.33 21.12 16.49
C PRO C 210 -13.22 20.11 16.19
N ALA C 211 -13.37 19.36 15.10
CA ALA C 211 -12.44 18.29 14.73
C ALA C 211 -11.07 18.80 14.31
N GLU C 212 -11.02 20.04 13.82
CA GLU C 212 -9.77 20.70 13.46
C GLU C 212 -8.82 20.73 14.65
N ILE C 213 -7.63 20.17 14.46
CA ILE C 213 -6.63 20.04 15.53
C ILE C 213 -5.24 19.77 14.93
N THR C 214 -4.20 20.11 15.68
CA THR C 214 -2.82 19.84 15.27
C THR C 214 -1.99 19.30 16.44
N LEU C 215 -1.48 18.08 16.26
CA LEU C 215 -0.60 17.46 17.26
C LEU C 215 0.78 17.20 16.67
N THR C 216 1.80 17.81 17.25
CA THR C 216 3.18 17.59 16.84
C THR C 216 4.07 17.18 18.02
N TRP C 217 5.03 16.30 17.75
CA TRP C 217 6.01 15.91 18.75
C TRP C 217 7.31 16.66 18.52
N GLN C 218 8.05 16.89 19.61
CA GLN C 218 9.27 17.70 19.54
C GLN C 218 10.45 17.06 20.28
N GLN C 219 11.61 17.05 19.62
CA GLN C 219 12.86 16.63 20.23
C GLN C 219 13.74 17.87 20.40
N ASP C 220 13.96 18.23 21.67
CA ASP C 220 14.75 19.42 22.04
C ASP C 220 14.27 20.69 21.31
N GLY C 221 12.94 20.88 21.31
CA GLY C 221 12.34 22.07 20.72
C GLY C 221 12.05 21.96 19.23
N GLU C 222 12.66 20.98 18.56
CA GLU C 222 12.50 20.80 17.13
C GLU C 222 11.37 19.82 16.82
N ASP C 223 10.51 20.20 15.88
CA ASP C 223 9.39 19.36 15.45
C ASP C 223 9.87 18.06 14.80
N LEU C 224 9.13 16.98 15.01
CA LEU C 224 9.47 15.68 14.46
C LEU C 224 8.40 15.16 13.50
N THR C 225 7.95 16.04 12.61
CA THR C 225 6.88 15.73 11.66
C THR C 225 7.15 14.48 10.81
N GLN C 226 8.40 14.29 10.41
CA GLN C 226 8.84 13.12 9.64
C GLN C 226 8.74 11.83 10.47
N ASP C 227 8.97 11.95 11.77
CA ASP C 227 8.99 10.80 12.68
C ASP C 227 7.74 10.72 13.58
N THR C 228 6.67 11.39 13.16
CA THR C 228 5.42 11.38 13.91
C THR C 228 4.37 10.53 13.18
N GLU C 229 3.80 9.57 13.91
CA GLU C 229 2.72 8.74 13.40
C GLU C 229 1.38 9.29 13.89
N LEU C 230 0.51 9.63 12.95
CA LEU C 230 -0.82 10.17 13.26
C LEU C 230 -1.93 9.22 12.83
N VAL C 231 -2.98 9.13 13.65
CA VAL C 231 -4.25 8.54 13.22
C VAL C 231 -5.16 9.66 12.74
N GLU C 232 -6.02 9.36 11.77
CA GLU C 232 -6.98 10.34 11.29
C GLU C 232 -8.00 10.64 12.39
N THR C 233 -8.34 11.91 12.54
CA THR C 233 -9.29 12.39 13.55
C THR C 233 -10.61 11.61 13.45
N ARG C 234 -10.89 10.85 14.50
CA ARG C 234 -12.06 9.98 14.56
C ARG C 234 -13.16 10.57 15.44
N PRO C 235 -14.43 10.27 15.11
CA PRO C 235 -15.53 10.73 15.96
C PRO C 235 -15.63 9.91 17.25
N ALA C 236 -15.94 10.57 18.36
CA ALA C 236 -16.10 9.88 19.63
C ALA C 236 -17.48 9.20 19.70
N GLY C 237 -18.45 9.76 19.00
CA GLY C 237 -19.80 9.21 18.93
C GLY C 237 -20.84 10.04 19.66
N ASP C 238 -20.47 11.27 20.04
CA ASP C 238 -21.34 12.15 20.80
C ASP C 238 -21.27 13.60 20.30
N GLY C 239 -20.39 13.84 19.34
CA GLY C 239 -20.16 15.18 18.80
C GLY C 239 -18.71 15.59 18.93
N THR C 240 -17.98 14.93 19.83
CA THR C 240 -16.57 15.22 20.08
C THR C 240 -15.67 14.29 19.26
N PHE C 241 -14.36 14.55 19.31
CA PHE C 241 -13.43 13.84 18.44
C PHE C 241 -12.19 13.34 19.19
N GLN C 242 -11.48 12.40 18.57
CA GLN C 242 -10.27 11.81 19.14
C GLN C 242 -9.15 11.75 18.10
N LYS C 243 -7.91 11.86 18.57
CA LYS C 243 -6.72 11.77 17.71
C LYS C 243 -5.48 11.57 18.57
N TRP C 244 -4.59 10.67 18.15
CA TRP C 244 -3.30 10.54 18.81
C TRP C 244 -2.11 10.63 17.85
N ALA C 245 -1.00 11.13 18.38
CA ALA C 245 0.27 11.22 17.66
C ALA C 245 1.29 10.40 18.42
N ALA C 246 2.05 9.58 17.71
CA ALA C 246 3.06 8.72 18.33
C ALA C 246 4.45 8.96 17.80
N VAL C 247 5.44 8.67 18.64
CA VAL C 247 6.86 8.78 18.28
C VAL C 247 7.65 7.71 19.03
N VAL C 248 8.58 7.05 18.33
CA VAL C 248 9.43 6.02 18.95
C VAL C 248 10.77 6.62 19.34
N VAL C 249 11.08 6.54 20.63
CA VAL C 249 12.22 7.25 21.21
C VAL C 249 13.08 6.29 22.05
N PRO C 250 14.33 6.71 22.38
CA PRO C 250 15.16 5.89 23.28
C PRO C 250 14.60 5.87 24.71
N SER C 251 14.60 4.69 25.32
CA SER C 251 14.13 4.52 26.69
C SER C 251 15.02 5.29 27.66
N GLY C 252 14.38 6.02 28.57
CA GLY C 252 15.10 6.80 29.58
C GLY C 252 15.28 8.25 29.19
N GLN C 253 14.98 8.58 27.95
CA GLN C 253 15.15 9.95 27.46
C GLN C 253 13.83 10.57 27.01
N GLU C 254 12.75 10.12 27.64
CA GLU C 254 11.39 10.59 27.35
C GLU C 254 11.23 12.09 27.60
N GLN C 255 12.08 12.63 28.47
CA GLN C 255 12.00 14.03 28.90
C GLN C 255 12.38 15.02 27.80
N ARG C 256 13.18 14.57 26.84
CA ARG C 256 13.60 15.37 25.69
C ARG C 256 12.43 15.67 24.74
N TYR C 257 11.28 15.04 24.98
CA TYR C 257 10.17 15.06 24.02
C TYR C 257 8.88 15.67 24.57
N THR C 258 8.36 16.65 23.84
CA THR C 258 7.13 17.35 24.23
C THR C 258 6.10 17.32 23.10
N CYS C 259 4.82 17.24 23.47
CA CYS C 259 3.74 17.28 22.49
C CYS C 259 3.08 18.65 22.46
N HIS C 260 3.03 19.25 21.27
CA HIS C 260 2.41 20.56 21.09
C HIS C 260 1.03 20.46 20.46
N VAL C 261 0.02 20.89 21.22
CA VAL C 261 -1.38 20.74 20.83
C VAL C 261 -2.02 22.10 20.50
N GLN C 262 -2.51 22.22 19.27
CA GLN C 262 -3.20 23.43 18.82
C GLN C 262 -4.68 23.16 18.55
N HIS C 263 -5.53 23.96 19.19
CA HIS C 263 -6.97 23.80 19.08
C HIS C 263 -7.68 25.15 19.24
N GLU C 264 -8.83 25.30 18.59
CA GLU C 264 -9.65 26.51 18.69
C GLU C 264 -10.10 26.73 20.14
N GLY C 265 -10.38 25.63 20.84
CA GLY C 265 -10.74 25.66 22.26
C GLY C 265 -9.54 25.75 23.19
N LEU C 266 -8.39 26.10 22.63
CA LEU C 266 -7.20 26.38 23.42
C LEU C 266 -6.75 27.83 23.20
N PRO C 267 -6.71 28.63 24.28
CA PRO C 267 -6.23 30.01 24.20
C PRO C 267 -4.74 30.07 23.89
N GLU C 268 -3.96 29.21 24.54
CA GLU C 268 -2.55 29.02 24.23
C GLU C 268 -2.34 27.64 23.60
N PRO C 269 -1.36 27.52 22.69
CA PRO C 269 -1.00 26.19 22.19
C PRO C 269 -0.35 25.38 23.31
N LEU C 270 -0.92 24.22 23.63
CA LEU C 270 -0.44 23.38 24.72
C LEU C 270 0.93 22.77 24.47
N THR C 271 1.66 22.52 25.55
CA THR C 271 2.92 21.80 25.53
C THR C 271 2.91 20.80 26.68
N ARG C 272 3.06 19.52 26.35
CA ARG C 272 2.90 18.46 27.33
C ARG C 272 4.03 17.43 27.28
N SER C 273 4.53 17.09 28.46
CA SER C 273 5.53 16.05 28.63
C SER C 273 4.89 14.81 29.25
N TRP C 274 5.62 13.70 29.29
CA TRP C 274 5.12 12.46 29.88
C TRP C 274 5.07 12.52 31.41
N GLU C 275 3.90 12.15 31.95
CA GLU C 275 3.67 12.13 33.39
C GLU C 275 4.10 10.81 34.01
N VAL D 2 -13.30 4.99 -9.96
CA VAL D 2 -12.12 4.64 -9.11
C VAL D 2 -12.58 3.90 -7.85
N GLN D 3 -11.85 2.87 -7.47
CA GLN D 3 -12.15 2.07 -6.29
C GLN D 3 -11.05 2.21 -5.22
N HIS D 4 -11.48 2.45 -3.98
CA HIS D 4 -10.56 2.66 -2.86
C HIS D 4 -10.83 1.70 -1.70
N ALA D 5 -9.75 1.20 -1.11
CA ALA D 5 -9.81 0.29 0.03
C ALA D 5 -10.03 1.05 1.34
N PRO D 6 -10.80 0.47 2.28
CA PRO D 6 -11.16 1.17 3.50
C PRO D 6 -10.06 1.20 4.58
N LYS D 7 -10.02 2.31 5.33
CA LYS D 7 -9.28 2.39 6.58
C LYS D 7 -10.24 2.06 7.70
N ILE D 8 -9.75 1.37 8.73
CA ILE D 8 -10.61 0.96 9.85
C ILE D 8 -9.99 1.20 11.22
N GLN D 9 -10.81 1.65 12.16
CA GLN D 9 -10.39 1.88 13.54
C GLN D 9 -11.44 1.38 14.53
N VAL D 10 -11.00 0.58 15.50
CA VAL D 10 -11.89 0.08 16.54
C VAL D 10 -11.41 0.61 17.88
N TYR D 11 -12.25 1.42 18.52
CA TYR D 11 -11.83 2.16 19.72
C TYR D 11 -13.02 2.44 20.63
N SER D 12 -12.73 2.69 21.90
CA SER D 12 -13.75 3.05 22.88
C SER D 12 -13.95 4.57 22.94
N ARG D 13 -15.17 4.99 23.28
CA ARG D 13 -15.49 6.41 23.40
C ARG D 13 -14.72 7.07 24.55
N HIS D 14 -14.80 6.46 25.72
CA HIS D 14 -14.03 6.90 26.89
C HIS D 14 -12.91 5.88 27.14
N PRO D 15 -11.80 6.32 27.76
CA PRO D 15 -10.71 5.38 28.05
C PRO D 15 -11.22 4.10 28.70
N ALA D 16 -10.72 2.96 28.23
CA ALA D 16 -11.21 1.65 28.66
C ALA D 16 -10.91 1.35 30.12
N GLU D 17 -11.96 1.33 30.93
CA GLU D 17 -11.87 0.93 32.34
C GLU D 17 -12.59 -0.40 32.49
N ASN D 18 -11.87 -1.40 32.99
CA ASN D 18 -12.40 -2.75 33.15
C ASN D 18 -13.57 -2.80 34.12
N GLY D 19 -14.75 -3.14 33.58
CA GLY D 19 -15.96 -3.26 34.39
C GLY D 19 -17.01 -2.19 34.12
N LYS D 20 -16.56 -0.95 33.90
CA LYS D 20 -17.47 0.17 33.64
C LYS D 20 -18.05 0.14 32.23
N PRO D 21 -19.34 0.51 32.08
CA PRO D 21 -19.99 0.57 30.76
C PRO D 21 -19.39 1.66 29.88
N ASN D 22 -19.21 1.33 28.60
CA ASN D 22 -18.57 2.22 27.63
C ASN D 22 -19.28 2.11 26.28
N PHE D 23 -18.81 2.89 25.30
CA PHE D 23 -19.31 2.79 23.93
C PHE D 23 -18.20 2.32 23.00
N LEU D 24 -18.50 1.33 22.18
CA LEU D 24 -17.54 0.79 21.22
C LEU D 24 -17.77 1.37 19.83
N ASN D 25 -16.69 1.88 19.22
CA ASN D 25 -16.78 2.51 17.90
C ASN D 25 -15.98 1.77 16.84
N CYS D 26 -16.60 1.55 15.69
CA CYS D 26 -15.87 1.08 14.51
C CYS D 26 -15.95 2.13 13.42
N TYR D 27 -14.85 2.86 13.25
CA TYR D 27 -14.76 3.91 12.25
C TYR D 27 -14.13 3.42 10.95
N VAL D 28 -14.91 3.48 9.87
CA VAL D 28 -14.46 3.06 8.55
C VAL D 28 -14.43 4.26 7.61
N SER D 29 -13.33 4.42 6.88
CA SER D 29 -13.15 5.60 6.02
C SER D 29 -12.25 5.32 4.82
N GLY D 30 -12.31 6.21 3.83
CA GLY D 30 -11.40 6.18 2.69
C GLY D 30 -11.71 5.12 1.65
N PHE D 31 -12.98 4.76 1.53
CA PHE D 31 -13.38 3.67 0.64
C PHE D 31 -14.32 4.09 -0.49
N HIS D 32 -14.28 3.32 -1.57
CA HIS D 32 -15.13 3.49 -2.74
C HIS D 32 -15.15 2.12 -3.42
N PRO D 33 -16.31 1.60 -3.83
CA PRO D 33 -17.60 2.27 -3.80
C PRO D 33 -18.33 2.20 -2.43
N PRO D 34 -19.53 2.82 -2.33
CA PRO D 34 -20.26 2.98 -1.08
C PRO D 34 -20.76 1.71 -0.40
N GLU D 35 -21.13 0.69 -1.18
CA GLU D 35 -21.65 -0.56 -0.61
C GLU D 35 -20.62 -1.23 0.30
N ILE D 36 -21.01 -1.47 1.55
CA ILE D 36 -20.09 -1.99 2.58
C ILE D 36 -20.83 -2.57 3.78
N GLU D 37 -20.33 -3.69 4.29
CA GLU D 37 -20.83 -4.28 5.52
C GLU D 37 -19.90 -3.96 6.67
N ILE D 38 -20.47 -3.48 7.78
CA ILE D 38 -19.70 -3.20 8.99
C ILE D 38 -20.43 -3.76 10.21
N ASP D 39 -19.82 -4.76 10.84
CA ASP D 39 -20.44 -5.46 11.98
C ASP D 39 -19.54 -5.43 13.20
N LEU D 40 -20.14 -5.15 14.36
CA LEU D 40 -19.43 -5.19 15.63
C LEU D 40 -19.64 -6.55 16.29
N LEU D 41 -18.54 -7.17 16.74
CA LEU D 41 -18.58 -8.55 17.20
C LEU D 41 -18.17 -8.75 18.66
N LYS D 42 -19.02 -9.48 19.39
CA LYS D 42 -18.71 -9.93 20.73
C LYS D 42 -18.51 -11.45 20.68
N ASN D 43 -17.25 -11.87 20.72
CA ASN D 43 -16.87 -13.28 20.61
C ASN D 43 -17.31 -13.95 19.29
N GLY D 44 -17.36 -13.16 18.22
CA GLY D 44 -17.80 -13.65 16.91
C GLY D 44 -19.29 -13.49 16.67
N GLU D 45 -20.02 -13.10 17.72
CA GLU D 45 -21.46 -12.87 17.62
C GLU D 45 -21.75 -11.42 17.20
N LYS D 46 -22.70 -11.26 16.28
CA LYS D 46 -23.08 -9.94 15.78
C LYS D 46 -23.80 -9.13 16.85
N MET D 47 -23.30 -7.93 17.11
CA MET D 47 -23.89 -7.02 18.10
C MET D 47 -24.84 -6.04 17.44
N LYS D 48 -26.01 -5.87 18.05
CA LYS D 48 -26.99 -4.87 17.60
C LYS D 48 -26.43 -3.46 17.78
N ALA D 49 -26.19 -2.78 16.66
CA ALA D 49 -25.53 -1.48 16.68
C ALA D 49 -26.22 -0.46 15.79
N GLU D 50 -26.18 0.80 16.22
CA GLU D 50 -26.62 1.92 15.40
C GLU D 50 -25.49 2.31 14.44
N GLN D 51 -25.86 3.01 13.37
CA GLN D 51 -24.91 3.34 12.31
C GLN D 51 -25.10 4.77 11.80
N SER D 52 -23.98 5.46 11.55
CA SER D 52 -24.02 6.83 11.07
C SER D 52 -24.55 6.90 9.63
N ASP D 53 -25.03 8.09 9.25
CA ASP D 53 -25.48 8.33 7.87
C ASP D 53 -24.26 8.52 6.97
N LEU D 54 -24.36 8.02 5.74
CA LEU D 54 -23.22 8.00 4.82
C LEU D 54 -22.80 9.40 4.35
N SER D 55 -21.53 9.71 4.55
CA SER D 55 -20.92 10.93 4.03
C SER D 55 -19.51 10.67 3.51
N PHE D 56 -18.93 11.66 2.83
CA PHE D 56 -17.64 11.49 2.15
C PHE D 56 -16.61 12.60 2.44
N SER D 57 -15.34 12.27 2.21
CA SER D 57 -14.23 13.19 2.41
C SER D 57 -14.04 14.08 1.20
N LYS D 58 -13.05 14.98 1.28
CA LYS D 58 -12.74 15.91 0.20
C LYS D 58 -12.34 15.17 -1.08
N ASP D 59 -11.68 14.02 -0.89
CA ASP D 59 -11.28 13.15 -2.00
C ASP D 59 -12.36 12.12 -2.35
N TRP D 60 -13.62 12.47 -2.07
CA TRP D 60 -14.81 11.67 -2.42
C TRP D 60 -14.90 10.29 -1.77
N THR D 61 -13.90 9.92 -0.98
CA THR D 61 -13.91 8.63 -0.29
C THR D 61 -14.88 8.68 0.89
N PHE D 62 -15.74 7.67 0.97
CA PHE D 62 -16.78 7.62 1.99
C PHE D 62 -16.25 7.37 3.40
N TYR D 63 -17.10 7.62 4.40
CA TYR D 63 -16.80 7.28 5.80
C TYR D 63 -18.06 6.97 6.61
N LEU D 64 -17.94 6.00 7.51
CA LEU D 64 -19.04 5.60 8.40
C LEU D 64 -18.54 5.28 9.81
N LEU D 65 -19.41 5.55 10.78
CA LEU D 65 -19.19 5.14 12.16
C LEU D 65 -20.29 4.18 12.60
N VAL D 66 -19.88 3.02 13.12
CA VAL D 66 -20.81 2.08 13.72
C VAL D 66 -20.46 1.97 15.21
N HIS D 67 -21.48 2.11 16.07
CA HIS D 67 -21.27 2.14 17.51
C HIS D 67 -22.37 1.44 18.30
N THR D 68 -21.97 0.85 19.42
CA THR D 68 -22.89 0.17 20.32
C THR D 68 -22.37 0.21 21.76
N GLU D 69 -23.26 -0.04 22.71
CA GLU D 69 -22.89 -0.12 24.13
C GLU D 69 -22.14 -1.42 24.38
N PHE D 70 -21.09 -1.34 25.20
CA PHE D 70 -20.33 -2.52 25.59
C PHE D 70 -19.66 -2.36 26.96
N THR D 71 -19.37 -3.48 27.61
CA THR D 71 -18.76 -3.49 28.94
C THR D 71 -17.42 -4.23 28.90
N PRO D 72 -16.31 -3.48 28.77
CA PRO D 72 -14.96 -4.04 28.63
C PRO D 72 -14.52 -4.89 29.81
N ASN D 73 -14.06 -6.11 29.50
CA ASN D 73 -13.46 -7.00 30.49
C ASN D 73 -12.44 -7.93 29.84
N GLY D 74 -11.53 -8.48 30.64
CA GLY D 74 -10.47 -9.34 30.14
C GLY D 74 -10.96 -10.64 29.50
N GLN D 75 -12.18 -11.05 29.87
CA GLN D 75 -12.74 -12.32 29.43
C GLN D 75 -13.40 -12.24 28.05
N ASP D 76 -14.16 -11.17 27.83
CA ASP D 76 -14.86 -10.96 26.56
C ASP D 76 -13.91 -10.48 25.46
N GLU D 77 -14.22 -10.86 24.23
CA GLU D 77 -13.40 -10.54 23.07
C GLU D 77 -14.21 -9.69 22.09
N PHE D 78 -13.74 -8.47 21.83
CA PHE D 78 -14.46 -7.53 20.96
C PHE D 78 -13.69 -7.18 19.69
N SER D 79 -14.41 -7.12 18.56
CA SER D 79 -13.82 -6.83 17.26
C SER D 79 -14.84 -6.21 16.29
N CYS D 80 -14.35 -5.73 15.16
CA CYS D 80 -15.20 -5.21 14.09
C CYS D 80 -14.92 -5.95 12.79
N ARG D 81 -15.99 -6.32 12.08
CA ARG D 81 -15.90 -7.04 10.82
C ARG D 81 -16.36 -6.16 9.66
N VAL D 82 -15.48 -5.99 8.66
CA VAL D 82 -15.79 -5.18 7.49
C VAL D 82 -15.73 -6.01 6.22
N LYS D 83 -16.83 -5.95 5.45
CA LYS D 83 -16.91 -6.65 4.16
C LYS D 83 -17.12 -5.65 3.02
N HIS D 84 -16.12 -5.58 2.15
CA HIS D 84 -16.10 -4.62 1.05
C HIS D 84 -15.60 -5.29 -0.23
N VAL D 85 -16.06 -4.78 -1.37
CA VAL D 85 -15.73 -5.35 -2.68
C VAL D 85 -14.24 -5.21 -3.03
N THR D 86 -13.58 -4.21 -2.46
CA THR D 86 -12.15 -4.00 -2.68
C THR D 86 -11.30 -4.85 -1.75
N LEU D 87 -11.94 -5.51 -0.79
CA LEU D 87 -11.24 -6.39 0.14
C LEU D 87 -11.08 -7.80 -0.42
N SER D 88 -9.87 -8.30 -0.35
CA SER D 88 -9.54 -9.66 -0.77
C SER D 88 -10.30 -10.68 0.08
N GLU D 89 -10.32 -10.43 1.38
CA GLU D 89 -10.96 -11.30 2.36
C GLU D 89 -11.68 -10.39 3.36
N PRO D 90 -12.83 -10.84 3.91
CA PRO D 90 -13.53 -10.04 4.92
C PRO D 90 -12.60 -9.66 6.07
N GLN D 91 -12.44 -8.36 6.29
CA GLN D 91 -11.46 -7.87 7.26
C GLN D 91 -12.02 -7.78 8.68
N ILE D 92 -11.26 -8.37 9.61
CA ILE D 92 -11.60 -8.37 11.02
C ILE D 92 -10.48 -7.75 11.85
N ILE D 93 -10.82 -6.70 12.59
CA ILE D 93 -9.85 -6.00 13.44
C ILE D 93 -10.28 -5.99 14.90
N LYS D 94 -9.40 -6.51 15.75
CA LYS D 94 -9.66 -6.71 17.18
C LYS D 94 -9.64 -5.39 17.94
N TRP D 95 -10.61 -5.20 18.83
CA TRP D 95 -10.62 -4.04 19.71
C TRP D 95 -9.55 -4.15 20.77
N GLU D 96 -8.84 -3.04 20.97
CA GLU D 96 -7.74 -2.96 21.91
C GLU D 96 -7.80 -1.59 22.57
N ARG D 97 -7.46 -1.52 23.85
CA ARG D 97 -7.19 -0.23 24.49
C ARG D 97 -5.92 0.31 23.85
N ASP D 98 -5.80 1.63 23.80
CA ASP D 98 -4.68 2.28 23.08
C ASP D 98 -4.81 2.11 21.57
N ASN D 99 -6.03 1.84 21.09
CA ASN D 99 -6.29 1.80 19.66
C ASN D 99 -6.43 3.20 19.07
N ASN E 1 12.10 -20.12 -25.15
CA ASN E 1 11.71 -21.17 -24.16
C ASN E 1 12.91 -21.94 -23.59
N GLY E 2 12.62 -22.96 -22.77
CA GLY E 2 13.65 -23.71 -22.04
C GLY E 2 14.55 -24.61 -22.87
N TYR E 3 15.62 -25.11 -22.24
CA TYR E 3 16.60 -25.95 -22.90
C TYR E 3 16.68 -27.34 -22.27
N ASN E 4 16.50 -28.36 -23.10
CA ASN E 4 16.66 -29.76 -22.69
C ASN E 4 18.12 -30.13 -22.48
N PHE E 5 18.41 -30.76 -21.35
CA PHE E 5 19.77 -31.14 -20.99
C PHE E 5 19.83 -32.66 -20.80
N PHE E 6 20.35 -33.35 -21.81
CA PHE E 6 20.29 -34.82 -21.84
C PHE E 6 21.44 -35.50 -21.11
N SER E 7 22.65 -34.99 -21.29
CA SER E 7 23.84 -35.57 -20.66
C SER E 7 23.90 -35.24 -19.17
N THR E 8 24.49 -36.14 -18.40
CA THR E 8 24.56 -35.99 -16.95
C THR E 8 25.99 -36.03 -16.43
N PHE E 9 26.15 -36.12 -15.11
CA PHE E 9 27.46 -36.05 -14.45
C PHE E 9 28.28 -37.31 -14.65
N ASN F 1 -30.73 25.64 5.15
CA ASN F 1 -31.72 25.31 4.08
C ASN F 1 -31.04 24.75 2.83
N GLY F 2 -31.62 23.70 2.28
CA GLY F 2 -31.05 23.01 1.11
C GLY F 2 -31.24 23.76 -0.20
N TYR F 3 -30.38 23.47 -1.16
CA TYR F 3 -30.44 24.08 -2.48
C TYR F 3 -31.18 23.17 -3.47
N ASN F 4 -32.08 23.76 -4.25
CA ASN F 4 -32.86 23.03 -5.23
C ASN F 4 -32.14 22.95 -6.58
N PHE F 5 -31.66 21.75 -6.91
CA PHE F 5 -30.94 21.51 -8.16
C PHE F 5 -31.93 21.32 -9.30
N PHE F 6 -32.06 22.35 -10.13
CA PHE F 6 -33.09 22.37 -11.17
C PHE F 6 -32.59 22.00 -12.57
N SER F 7 -31.31 21.59 -12.66
CA SER F 7 -30.73 21.20 -13.95
C SER F 7 -29.99 19.87 -13.90
N THR F 8 -30.11 19.09 -14.98
CA THR F 8 -29.53 17.75 -15.05
C THR F 8 -28.28 17.69 -15.92
N PHE F 9 -27.63 16.53 -15.94
CA PHE F 9 -26.38 16.31 -16.66
C PHE F 9 -26.52 16.49 -18.16
#